data_8ZMG
#
_entry.id   8ZMG
#
_cell.length_a   276.260
_cell.length_b   42.040
_cell.length_c   90.410
_cell.angle_alpha   90.000
_cell.angle_beta   93.147
_cell.angle_gamma   90.000
#
_symmetry.space_group_name_H-M   'C 1 2 1'
#
loop_
_entity.id
_entity.type
_entity.pdbx_description
1 polymer '5-hydroxytryptamine receptor 2A,Soluble cytochrome b562'
2 non-polymer Pimavanserin
#
_entity_poly.entity_id   1
_entity_poly.type   'polypeptide(L)'
_entity_poly.pdbx_seq_one_letter_code
;MKTIIALSYIFCLVFADYKDDDDKENLYFQGTSHLQEKNWSALLTAVVIILTIAGNILVIMAVSLEKKLQNATNYFLMSL
AIADMLLGFLVMPVSMLTILYGYRWPLPSKLCAVWIYLDVLFSTAKIWHLCAISLDRYVAIQNPIHHSRFNSRTKAFLKI
IAVWTISVGISMPIPVFGLQDDSKVFKEGSCLLADDNFVLIGSFVSFFIPLTIMVITYFLTIKSLQKEAADLEDNWETLN
DNLKVIEKADNAAQVKDALTKMRAAALDAGSGSGDILVGQIDDALKLANEGKVKEAQAAAEQLKTTINAYIQKYGQSISN
EQKACKVLGIVFFLFVVMWCPFFITNIMAVICKESCNEDVIGALLNVFVWIGYLSSAVNPLVYTLFNKTYRSAFSRYIQC
QYKENKLEENLYFQ
;
_entity_poly.pdbx_strand_id   A,B
#
# COMPACT_ATOMS: atom_id res chain seq x y z
N LYS A 38 35.99 8.14 38.66
CA LYS A 38 35.88 7.79 40.07
C LYS A 38 34.42 7.77 40.49
N ASN A 39 34.16 7.98 41.78
CA ASN A 39 32.82 7.90 42.32
C ASN A 39 32.02 9.19 42.19
N TRP A 40 32.65 10.30 41.82
CA TRP A 40 31.90 11.53 41.64
C TRP A 40 31.04 11.52 40.38
N SER A 41 31.20 10.54 39.51
CA SER A 41 30.34 10.36 38.35
C SER A 41 29.44 9.15 38.45
N ALA A 42 29.70 8.23 39.38
CA ALA A 42 28.84 7.06 39.56
C ALA A 42 27.46 7.47 40.06
N LEU A 43 27.41 8.44 40.98
CA LEU A 43 26.13 8.93 41.47
C LEU A 43 25.36 9.66 40.38
N LEU A 44 26.07 10.40 39.52
CA LEU A 44 25.40 11.15 38.46
C LEU A 44 24.70 10.22 37.48
N THR A 45 25.33 9.07 37.17
CA THR A 45 24.76 8.10 36.25
C THR A 45 23.79 7.12 36.90
N ALA A 46 23.63 7.18 38.22
CA ALA A 46 22.74 6.27 38.93
C ALA A 46 21.32 6.81 39.07
N VAL A 47 21.16 8.14 39.11
CA VAL A 47 19.83 8.73 39.25
C VAL A 47 18.99 8.49 37.99
N VAL A 48 19.65 8.37 36.83
CA VAL A 48 18.92 8.21 35.57
C VAL A 48 18.10 6.93 35.59
N ILE A 49 18.68 5.85 36.14
CA ILE A 49 17.99 4.56 36.15
C ILE A 49 16.69 4.65 36.94
N ILE A 50 16.77 5.18 38.17
CA ILE A 50 15.59 5.25 39.02
C ILE A 50 14.58 6.26 38.46
N LEU A 51 15.05 7.36 37.86
CA LEU A 51 14.12 8.31 37.25
C LEU A 51 13.37 7.68 36.10
N THR A 52 14.07 6.93 35.23
CA THR A 52 13.41 6.22 34.15
C THR A 52 12.37 5.25 34.69
N ILE A 53 12.76 4.46 35.68
CA ILE A 53 11.85 3.46 36.26
C ILE A 53 10.60 4.13 36.80
N ALA A 54 10.79 5.15 37.64
CA ALA A 54 9.65 5.80 38.30
C ALA A 54 8.75 6.49 37.29
N GLY A 55 9.33 7.25 36.36
CA GLY A 55 8.52 7.97 35.38
C GLY A 55 7.73 7.04 34.49
N ASN A 56 8.36 5.96 34.01
CA ASN A 56 7.65 5.07 33.11
C ASN A 56 6.64 4.20 33.84
N ILE A 57 6.89 3.86 35.11
CA ILE A 57 5.85 3.19 35.89
C ILE A 57 4.67 4.12 36.11
N LEU A 58 4.94 5.41 36.34
CA LEU A 58 3.86 6.40 36.43
C LEU A 58 3.06 6.45 35.14
N VAL A 59 3.74 6.45 33.99
CA VAL A 59 3.06 6.50 32.71
C VAL A 59 2.19 5.25 32.52
N ILE A 60 2.72 4.08 32.87
CA ILE A 60 1.96 2.84 32.76
C ILE A 60 0.70 2.90 33.62
N MET A 61 0.85 3.37 34.87
CA MET A 61 -0.30 3.48 35.76
C MET A 61 -1.33 4.46 35.22
N ALA A 62 -0.87 5.60 34.70
CA ALA A 62 -1.79 6.59 34.17
C ALA A 62 -2.57 6.06 32.98
N VAL A 63 -1.90 5.34 32.08
CA VAL A 63 -2.59 4.80 30.92
C VAL A 63 -3.57 3.70 31.34
N SER A 64 -3.15 2.81 32.24
CA SER A 64 -3.97 1.67 32.61
C SER A 64 -5.07 2.01 33.62
N LEU A 65 -5.03 3.19 34.24
CA LEU A 65 -6.01 3.57 35.24
C LEU A 65 -7.04 4.57 34.72
N GLU A 66 -6.59 5.65 34.08
CA GLU A 66 -7.50 6.69 33.64
C GLU A 66 -8.40 6.17 32.53
N LYS A 67 -9.71 6.37 32.69
CA LYS A 67 -10.69 5.93 31.70
C LYS A 67 -10.73 6.84 30.48
N LYS A 68 -10.15 8.03 30.57
CA LYS A 68 -10.19 9.00 29.48
C LYS A 68 -9.09 8.77 28.45
N LEU A 69 -8.12 7.91 28.74
CA LEU A 69 -7.00 7.66 27.85
C LEU A 69 -7.19 6.43 26.99
N GLN A 70 -8.37 5.80 27.03
CA GLN A 70 -8.56 4.53 26.34
C GLN A 70 -8.66 4.73 24.82
N ASN A 71 -7.52 4.67 24.14
CA ASN A 71 -7.48 4.74 22.68
C ASN A 71 -6.15 4.15 22.22
N ALA A 72 -5.98 4.07 20.90
CA ALA A 72 -4.81 3.41 20.33
C ALA A 72 -3.52 4.12 20.70
N THR A 73 -3.52 5.46 20.65
CA THR A 73 -2.29 6.22 20.90
C THR A 73 -1.78 5.98 22.30
N ASN A 74 -2.67 6.00 23.30
CA ASN A 74 -2.21 5.79 24.67
C ASN A 74 -1.82 4.34 24.92
N TYR A 75 -2.44 3.38 24.21
CA TYR A 75 -1.97 2.00 24.29
C TYR A 75 -0.54 1.87 23.77
N PHE A 76 -0.27 2.52 22.63
CA PHE A 76 1.09 2.51 22.11
C PHE A 76 2.06 3.21 23.06
N LEU A 77 1.61 4.29 23.69
CA LEU A 77 2.45 4.98 24.67
C LEU A 77 2.71 4.11 25.89
N MET A 78 1.74 3.31 26.30
CA MET A 78 1.95 2.39 27.42
C MET A 78 2.93 1.29 27.04
N SER A 79 2.84 0.79 25.80
CA SER A 79 3.84 -0.16 25.34
C SER A 79 5.23 0.47 25.30
N LEU A 80 5.31 1.74 24.88
CA LEU A 80 6.57 2.47 24.91
C LEU A 80 7.10 2.59 26.33
N ALA A 81 6.22 2.88 27.28
CA ALA A 81 6.63 2.97 28.68
C ALA A 81 7.06 1.61 29.22
N ILE A 82 6.43 0.52 28.76
CA ILE A 82 6.88 -0.81 29.14
C ILE A 82 8.28 -1.08 28.63
N ALA A 83 8.55 -0.71 27.37
CA ALA A 83 9.88 -0.86 26.82
C ALA A 83 10.90 -0.04 27.59
N ASP A 84 10.55 1.20 27.92
CA ASP A 84 11.46 2.06 28.70
C ASP A 84 11.71 1.48 30.09
N MET A 85 10.66 0.98 30.74
CA MET A 85 10.79 0.41 32.07
C MET A 85 11.67 -0.84 32.04
N LEU A 86 11.51 -1.68 31.03
CA LEU A 86 12.37 -2.86 30.91
C LEU A 86 13.82 -2.46 30.62
N LEU A 87 14.01 -1.43 29.79
CA LEU A 87 15.37 -0.94 29.53
C LEU A 87 16.02 -0.41 30.79
N GLY A 88 15.26 0.33 31.61
CA GLY A 88 15.82 0.88 32.83
C GLY A 88 16.02 -0.14 33.93
N PHE A 89 15.18 -1.19 33.94
CA PHE A 89 15.29 -2.21 34.98
C PHE A 89 16.43 -3.19 34.72
N LEU A 90 16.76 -3.44 33.44
CA LEU A 90 17.70 -4.50 33.09
C LEU A 90 19.02 -3.97 32.53
N VAL A 91 18.96 -3.16 31.47
CA VAL A 91 20.19 -2.78 30.78
C VAL A 91 20.92 -1.68 31.53
N MET A 92 20.19 -0.66 31.96
CA MET A 92 20.82 0.50 32.60
C MET A 92 21.57 0.14 33.89
N PRO A 93 21.03 -0.65 34.82
CA PRO A 93 21.83 -1.00 36.00
C PRO A 93 23.07 -1.82 35.67
N VAL A 94 23.00 -2.70 34.67
CA VAL A 94 24.17 -3.45 34.27
C VAL A 94 25.24 -2.52 33.70
N SER A 95 24.82 -1.54 32.88
CA SER A 95 25.77 -0.55 32.37
C SER A 95 26.37 0.27 33.51
N MET A 96 25.56 0.62 34.50
CA MET A 96 26.06 1.39 35.64
C MET A 96 27.10 0.60 36.43
N LEU A 97 26.82 -0.68 36.68
CA LEU A 97 27.79 -1.52 37.40
C LEU A 97 29.04 -1.76 36.57
N THR A 98 28.91 -1.82 35.24
CA THR A 98 30.09 -1.89 34.38
C THR A 98 30.91 -0.62 34.50
N ILE A 99 30.25 0.54 34.57
CA ILE A 99 30.96 1.81 34.75
C ILE A 99 31.71 1.83 36.07
N LEU A 100 31.02 1.44 37.15
CA LEU A 100 31.66 1.45 38.46
C LEU A 100 32.81 0.45 38.55
N TYR A 101 32.75 -0.61 37.75
CA TYR A 101 33.85 -1.56 37.65
C TYR A 101 34.92 -1.12 36.66
N GLY A 102 34.70 -0.04 35.93
CA GLY A 102 35.70 0.48 35.02
C GLY A 102 35.57 -0.03 33.60
N TYR A 103 34.34 -0.05 33.09
CA TYR A 103 34.05 -0.53 31.73
C TYR A 103 34.55 -1.96 31.53
N ARG A 104 34.27 -2.81 32.52
CA ARG A 104 34.68 -4.21 32.49
C ARG A 104 33.47 -5.09 32.78
N TRP A 105 33.39 -6.23 32.09
CA TRP A 105 32.23 -7.09 32.16
C TRP A 105 32.33 -8.03 33.36
N PRO A 106 31.43 -7.92 34.35
CA PRO A 106 31.54 -8.79 35.53
C PRO A 106 30.67 -10.04 35.46
N LEU A 107 29.78 -10.10 34.48
CA LEU A 107 28.86 -11.23 34.33
C LEU A 107 29.53 -12.35 33.55
N PRO A 108 28.94 -13.55 33.56
CA PRO A 108 29.46 -14.63 32.71
C PRO A 108 29.48 -14.22 31.25
N SER A 109 30.51 -14.71 30.54
CA SER A 109 30.74 -14.28 29.16
C SER A 109 29.60 -14.63 28.22
N LYS A 110 28.80 -15.64 28.56
CA LYS A 110 27.69 -16.04 27.69
C LYS A 110 26.50 -15.10 27.79
N LEU A 111 26.42 -14.28 28.83
CA LEU A 111 25.30 -13.36 29.00
C LEU A 111 25.50 -12.03 28.30
N CYS A 112 26.71 -11.72 27.84
CA CYS A 112 26.95 -10.44 27.17
C CYS A 112 26.08 -10.29 25.94
N ALA A 113 26.01 -11.34 25.11
CA ALA A 113 25.15 -11.31 23.94
C ALA A 113 23.70 -11.07 24.32
N VAL A 114 23.30 -11.53 25.52
CA VAL A 114 21.95 -11.22 26.01
C VAL A 114 21.82 -9.73 26.25
N TRP A 115 22.78 -9.14 26.97
CA TRP A 115 22.70 -7.74 27.37
C TRP A 115 22.44 -6.84 26.17
N ILE A 116 23.34 -6.88 25.18
CA ILE A 116 23.17 -6.07 23.98
C ILE A 116 21.82 -6.34 23.35
N TYR A 117 21.42 -7.62 23.29
CA TYR A 117 20.12 -7.97 22.72
C TYR A 117 19.01 -7.17 23.38
N LEU A 118 18.98 -7.15 24.72
CA LEU A 118 17.96 -6.37 25.41
C LEU A 118 18.08 -4.90 25.05
N ASP A 119 19.32 -4.38 25.07
CA ASP A 119 19.54 -2.98 24.72
C ASP A 119 19.09 -2.69 23.30
N VAL A 120 19.05 -3.70 22.44
CA VAL A 120 18.49 -3.51 21.10
C VAL A 120 17.00 -3.79 21.09
N LEU A 121 16.55 -4.78 21.87
CA LEU A 121 15.16 -5.23 21.76
C LEU A 121 14.18 -4.13 22.14
N PHE A 122 14.46 -3.40 23.22
CA PHE A 122 13.53 -2.39 23.69
C PHE A 122 13.61 -1.12 22.86
N SER A 123 14.83 -0.62 22.65
CA SER A 123 15.00 0.63 21.91
C SER A 123 14.47 0.51 20.49
N THR A 124 14.80 -0.59 19.80
CA THR A 124 14.26 -0.83 18.47
C THR A 124 12.74 -0.87 18.50
N ALA A 125 12.16 -1.36 19.61
CA ALA A 125 10.71 -1.27 19.77
C ALA A 125 10.27 0.19 19.83
N LYS A 126 10.92 0.99 20.67
CA LYS A 126 10.50 2.37 20.85
C LYS A 126 10.54 3.15 19.55
N ILE A 127 11.68 3.13 18.87
CA ILE A 127 11.82 3.83 17.61
C ILE A 127 10.84 3.29 16.57
N TRP A 128 10.40 2.03 16.72
CA TRP A 128 9.36 1.50 15.87
C TRP A 128 7.96 1.67 16.44
N HIS A 129 7.84 1.80 17.77
CA HIS A 129 6.55 2.17 18.34
C HIS A 129 6.17 3.59 17.94
N LEU A 130 7.08 4.54 18.15
CA LEU A 130 6.85 5.91 17.71
C LEU A 130 6.52 5.96 16.22
N CYS A 131 7.38 5.34 15.40
CA CYS A 131 7.14 5.26 13.97
C CYS A 131 5.80 4.63 13.66
N ALA A 132 5.34 3.68 14.49
CA ALA A 132 4.00 3.14 14.32
C ALA A 132 2.96 4.21 14.56
N ILE A 133 3.04 4.89 15.72
CA ILE A 133 1.98 5.79 16.15
C ILE A 133 1.65 6.80 15.06
N SER A 134 2.66 7.61 14.70
CA SER A 134 2.53 8.57 13.60
C SER A 134 1.81 7.94 12.42
N LEU A 135 2.35 6.82 11.91
CA LEU A 135 1.74 6.17 10.76
C LEU A 135 0.27 5.90 11.00
N ASP A 136 -0.05 5.26 12.12
CA ASP A 136 -1.44 5.03 12.47
C ASP A 136 -2.20 6.35 12.50
N ARG A 137 -1.68 7.31 13.26
CA ARG A 137 -2.38 8.59 13.37
C ARG A 137 -2.35 9.36 12.05
N TYR A 138 -1.48 8.99 11.12
CA TYR A 138 -1.53 9.61 9.81
C TYR A 138 -2.64 9.01 8.95
N VAL A 139 -2.92 7.72 9.12
CA VAL A 139 -3.85 7.01 8.26
C VAL A 139 -5.22 6.83 8.91
N ALA A 140 -5.24 6.58 10.21
CA ALA A 140 -6.51 6.39 10.92
C ALA A 140 -7.34 7.66 10.99
N ILE A 141 -6.78 8.83 10.64
CA ILE A 141 -7.54 10.07 10.64
C ILE A 141 -7.95 10.50 9.24
N GLN A 142 -7.46 9.82 8.21
CA GLN A 142 -7.76 10.23 6.84
C GLN A 142 -9.07 9.67 6.32
N ASN A 143 -9.60 8.62 6.93
CA ASN A 143 -10.93 8.15 6.56
C ASN A 143 -11.96 9.19 7.00
N PRO A 144 -12.97 9.47 6.16
CA PRO A 144 -13.91 10.56 6.47
C PRO A 144 -14.77 10.35 7.71
N ILE A 145 -14.60 9.24 8.43
CA ILE A 145 -15.38 9.02 9.65
C ILE A 145 -14.43 8.84 10.84
N HIS A 146 -13.29 9.51 10.79
CA HIS A 146 -12.28 9.33 11.84
C HIS A 146 -12.67 9.96 13.17
N HIS A 147 -13.53 10.99 13.15
CA HIS A 147 -14.01 11.61 14.38
C HIS A 147 -15.10 10.80 15.07
N SER A 148 -15.33 9.57 14.63
CA SER A 148 -16.37 8.73 15.22
C SER A 148 -15.84 7.98 16.43
N ARG A 149 -16.78 7.50 17.25
CA ARG A 149 -16.49 6.59 18.35
C ARG A 149 -16.34 5.18 17.81
N PHE A 150 -16.41 4.19 18.70
CA PHE A 150 -16.23 2.78 18.35
C PHE A 150 -14.82 2.53 17.81
N ASN A 151 -13.84 2.84 18.65
CA ASN A 151 -12.45 2.57 18.31
C ASN A 151 -12.16 1.08 18.36
N SER A 152 -11.25 0.64 17.49
CA SER A 152 -10.90 -0.77 17.36
C SER A 152 -9.79 -1.07 18.38
N ARG A 153 -10.21 -1.50 19.58
CA ARG A 153 -9.27 -1.78 20.65
C ARG A 153 -8.38 -2.96 20.31
N THR A 154 -8.98 -4.09 19.92
CA THR A 154 -8.20 -5.28 19.61
C THR A 154 -7.29 -5.08 18.41
N LYS A 155 -7.72 -4.26 17.45
CA LYS A 155 -6.88 -3.95 16.31
C LYS A 155 -5.59 -3.27 16.75
N ALA A 156 -5.71 -2.26 17.63
CA ALA A 156 -4.52 -1.58 18.14
C ALA A 156 -3.66 -2.51 18.99
N PHE A 157 -4.31 -3.37 19.78
CA PHE A 157 -3.56 -4.34 20.58
C PHE A 157 -2.72 -5.26 19.69
N LEU A 158 -3.32 -5.76 18.62
CA LEU A 158 -2.59 -6.61 17.68
C LEU A 158 -1.53 -5.83 16.92
N LYS A 159 -1.76 -4.55 16.64
CA LYS A 159 -0.73 -3.72 16.03
C LYS A 159 0.48 -3.61 16.95
N ILE A 160 0.25 -3.39 18.24
CA ILE A 160 1.35 -3.31 19.21
C ILE A 160 2.10 -4.64 19.27
N ILE A 161 1.35 -5.76 19.29
CA ILE A 161 1.99 -7.06 19.33
C ILE A 161 2.82 -7.29 18.08
N ALA A 162 2.32 -6.85 16.92
CA ALA A 162 3.07 -7.00 15.67
C ALA A 162 4.34 -6.17 15.67
N VAL A 163 4.27 -4.94 16.21
CA VAL A 163 5.48 -4.12 16.31
C VAL A 163 6.51 -4.79 17.22
N TRP A 164 6.04 -5.33 18.35
CA TRP A 164 6.96 -6.08 19.22
C TRP A 164 7.55 -7.27 18.49
N THR A 165 6.75 -7.96 17.68
CA THR A 165 7.23 -9.13 16.95
C THR A 165 8.31 -8.73 15.94
N ILE A 166 8.10 -7.64 15.20
CA ILE A 166 9.11 -7.23 14.24
C ILE A 166 10.37 -6.75 14.96
N SER A 167 10.22 -6.14 16.13
CA SER A 167 11.40 -5.77 16.92
C SER A 167 12.17 -7.00 17.37
N VAL A 168 11.46 -8.04 17.79
CA VAL A 168 12.10 -9.30 18.18
C VAL A 168 12.83 -9.90 16.99
N GLY A 169 12.21 -9.87 15.81
CA GLY A 169 12.87 -10.38 14.62
C GLY A 169 14.12 -9.60 14.26
N ILE A 170 14.07 -8.28 14.42
CA ILE A 170 15.24 -7.44 14.14
C ILE A 170 16.35 -7.73 15.15
N SER A 171 15.98 -7.95 16.42
CA SER A 171 16.97 -8.11 17.48
C SER A 171 17.51 -9.53 17.60
N MET A 172 16.86 -10.51 16.99
CA MET A 172 17.36 -11.90 17.06
C MET A 172 18.79 -12.08 16.57
N PRO A 173 19.24 -11.45 15.47
CA PRO A 173 20.62 -11.69 15.00
C PRO A 173 21.69 -11.40 16.04
N ILE A 174 21.48 -10.44 16.93
CA ILE A 174 22.51 -10.09 17.91
C ILE A 174 22.85 -11.31 18.76
N PRO A 175 21.92 -11.90 19.53
CA PRO A 175 22.28 -13.13 20.25
C PRO A 175 22.61 -14.29 19.33
N VAL A 176 21.93 -14.40 18.18
CA VAL A 176 22.14 -15.56 17.31
C VAL A 176 23.59 -15.65 16.86
N PHE A 177 24.17 -14.53 16.45
CA PHE A 177 25.56 -14.50 16.01
C PHE A 177 26.54 -14.14 17.11
N GLY A 178 26.06 -13.76 18.30
CA GLY A 178 26.96 -13.52 19.40
C GLY A 178 27.26 -14.77 20.21
N LEU A 179 26.32 -15.71 20.24
CA LEU A 179 26.57 -16.96 20.94
C LEU A 179 27.57 -17.82 20.19
N GLN A 180 27.53 -17.80 18.85
CA GLN A 180 28.49 -18.57 18.07
C GLN A 180 29.88 -17.97 18.18
N ASP A 181 30.03 -16.71 17.79
CA ASP A 181 31.31 -16.01 17.85
C ASP A 181 31.34 -15.09 19.06
N ASP A 182 32.28 -15.35 19.97
CA ASP A 182 32.40 -14.54 21.18
C ASP A 182 33.14 -13.24 20.95
N SER A 183 33.71 -13.03 19.76
CA SER A 183 34.42 -11.79 19.44
C SER A 183 33.52 -10.74 18.81
N LYS A 184 32.24 -11.05 18.60
CA LYS A 184 31.31 -10.07 18.05
C LYS A 184 30.66 -9.21 19.12
N VAL A 185 30.51 -9.73 20.34
CA VAL A 185 29.93 -8.96 21.44
C VAL A 185 30.99 -8.49 22.44
N PHE A 186 32.23 -8.96 22.32
CA PHE A 186 33.34 -8.53 23.17
C PHE A 186 34.38 -7.82 22.32
N LYS A 187 34.62 -6.55 22.60
CA LYS A 187 35.66 -5.78 21.91
C LYS A 187 36.85 -5.64 22.86
N GLU A 188 37.69 -6.68 22.86
CA GLU A 188 38.91 -6.75 23.66
C GLU A 188 38.61 -6.57 25.15
N GLY A 189 37.77 -7.47 25.67
CA GLY A 189 37.44 -7.51 27.08
C GLY A 189 36.21 -6.71 27.48
N SER A 190 35.76 -5.78 26.64
CA SER A 190 34.59 -4.97 26.94
C SER A 190 33.38 -5.49 26.17
N CYS A 191 32.25 -5.60 26.86
CA CYS A 191 31.03 -6.17 26.29
C CYS A 191 30.28 -5.07 25.53
N LEU A 192 30.49 -5.03 24.21
CA LEU A 192 29.77 -4.10 23.35
C LEU A 192 29.86 -4.61 21.91
N LEU A 193 28.98 -4.10 21.07
CA LEU A 193 28.95 -4.52 19.67
C LEU A 193 30.26 -4.20 18.97
N ALA A 194 30.90 -5.22 18.41
CA ALA A 194 32.16 -5.06 17.72
C ALA A 194 32.08 -5.32 16.22
N ASP A 195 31.03 -5.97 15.75
CA ASP A 195 30.87 -6.25 14.32
C ASP A 195 30.45 -4.97 13.60
N ASP A 196 31.30 -4.50 12.68
CA ASP A 196 31.00 -3.26 11.97
C ASP A 196 29.77 -3.40 11.09
N ASN A 197 29.59 -4.57 10.47
CA ASN A 197 28.39 -4.81 9.66
C ASN A 197 27.14 -4.70 10.51
N PHE A 198 27.16 -5.28 11.71
CA PHE A 198 26.02 -5.17 12.61
C PHE A 198 25.74 -3.71 12.96
N VAL A 199 26.79 -2.94 13.29
CA VAL A 199 26.61 -1.54 13.65
C VAL A 199 25.96 -0.78 12.50
N LEU A 200 26.52 -0.92 11.29
CA LEU A 200 25.99 -0.18 10.14
C LEU A 200 24.55 -0.57 9.84
N ILE A 201 24.28 -1.87 9.70
CA ILE A 201 22.95 -2.30 9.30
C ILE A 201 21.92 -1.94 10.36
N GLY A 202 22.23 -2.19 11.63
CA GLY A 202 21.29 -1.87 12.69
C GLY A 202 21.04 -0.38 12.82
N SER A 203 22.08 0.44 12.65
CA SER A 203 21.88 1.88 12.64
C SER A 203 20.96 2.29 11.51
N PHE A 204 21.15 1.71 10.33
CA PHE A 204 20.23 1.97 9.23
C PHE A 204 18.84 1.39 9.51
N VAL A 205 18.79 0.11 9.89
CA VAL A 205 17.51 -0.58 10.02
C VAL A 205 16.72 -0.05 11.20
N SER A 206 17.36 0.08 12.36
CA SER A 206 16.62 0.39 13.58
C SER A 206 16.41 1.88 13.80
N PHE A 207 17.41 2.70 13.48
CA PHE A 207 17.38 4.12 13.87
C PHE A 207 16.97 5.03 12.71
N PHE A 208 17.70 4.97 11.59
CA PHE A 208 17.54 5.99 10.55
C PHE A 208 16.22 5.83 9.79
N ILE A 209 15.86 4.59 9.45
CA ILE A 209 14.62 4.37 8.69
C ILE A 209 13.39 4.84 9.46
N PRO A 210 13.16 4.44 10.71
CA PRO A 210 12.01 4.98 11.43
C PRO A 210 12.08 6.48 11.64
N LEU A 211 13.28 7.05 11.78
CA LEU A 211 13.39 8.51 11.92
C LEU A 211 12.91 9.22 10.67
N THR A 212 13.37 8.76 9.50
CA THR A 212 12.92 9.36 8.25
C THR A 212 11.42 9.18 8.07
N ILE A 213 10.91 7.99 8.39
CA ILE A 213 9.47 7.75 8.26
C ILE A 213 8.70 8.68 9.19
N MET A 214 9.17 8.86 10.42
CA MET A 214 8.49 9.75 11.36
C MET A 214 8.48 11.18 10.86
N VAL A 215 9.61 11.66 10.33
CA VAL A 215 9.66 13.04 9.85
C VAL A 215 8.70 13.23 8.68
N ILE A 216 8.73 12.30 7.71
CA ILE A 216 7.88 12.42 6.53
C ILE A 216 6.40 12.35 6.93
N THR A 217 6.05 11.41 7.82
CA THR A 217 4.67 11.28 8.24
C THR A 217 4.22 12.47 9.06
N TYR A 218 5.11 13.09 9.85
CA TYR A 218 4.75 14.29 10.59
C TYR A 218 4.46 15.45 9.64
N PHE A 219 5.29 15.63 8.63
CA PHE A 219 5.03 16.67 7.64
C PHE A 219 3.71 16.43 6.92
N LEU A 220 3.49 15.19 6.46
CA LEU A 220 2.24 14.89 5.77
C LEU A 220 1.04 14.98 6.71
N THR A 221 1.24 14.73 8.00
CA THR A 221 0.15 14.84 8.96
C THR A 221 -0.25 16.29 9.19
N ILE A 222 0.73 17.20 9.33
CA ILE A 222 0.37 18.61 9.48
C ILE A 222 -0.28 19.11 8.19
N LYS A 223 0.21 18.66 7.03
CA LYS A 223 -0.41 19.05 5.77
C LYS A 223 -1.85 18.56 5.67
N SER A 224 -2.10 17.32 6.09
CA SER A 224 -3.45 16.76 6.04
C SER A 224 -4.38 17.44 7.03
N LEU A 225 -3.89 17.74 8.24
CA LEU A 225 -4.74 18.35 9.24
C LEU A 225 -5.03 19.81 8.93
N GLN A 226 -4.15 20.48 8.19
CA GLN A 226 -4.47 21.83 7.75
C GLN A 226 -5.68 21.85 6.83
N LYS A 227 -5.92 20.77 6.10
CA LYS A 227 -7.10 20.69 5.23
C LYS A 227 -8.37 20.42 6.03
N GLU A 228 -8.29 19.68 7.15
CA GLU A 228 -9.47 19.40 7.95
C GLU A 228 -10.11 20.69 8.46
N ALA A 229 -9.29 21.62 8.95
CA ALA A 229 -9.82 22.87 9.49
C ALA A 229 -10.31 23.81 8.41
N ALA A 230 -10.03 23.52 7.13
CA ALA A 230 -10.53 24.35 6.03
C ALA A 230 -11.88 23.86 5.52
N ASP A 231 -12.07 22.54 5.44
CA ASP A 231 -13.36 22.01 5.03
C ASP A 231 -14.43 22.30 6.08
N LEU A 232 -14.05 22.27 7.36
CA LEU A 232 -15.00 22.59 8.42
C LEU A 232 -15.47 24.03 8.32
N GLU A 233 -14.56 24.97 8.01
CA GLU A 233 -14.97 26.35 7.82
C GLU A 233 -15.88 26.50 6.62
N ASP A 234 -15.62 25.73 5.56
CA ASP A 234 -16.52 25.76 4.40
C ASP A 234 -17.90 25.26 4.77
N ASN A 235 -17.98 24.20 5.57
CA ASN A 235 -19.29 23.71 6.02
C ASN A 235 -19.99 24.76 6.88
N TRP A 236 -19.26 25.42 7.77
CA TRP A 236 -19.86 26.47 8.59
C TRP A 236 -20.38 27.62 7.72
N GLU A 237 -19.61 28.02 6.71
CA GLU A 237 -20.05 29.08 5.82
C GLU A 237 -21.29 28.67 5.02
N THR A 238 -21.32 27.42 4.55
CA THR A 238 -22.49 26.93 3.84
C THR A 238 -23.72 26.94 4.74
N LEU A 239 -23.57 26.49 5.98
CA LEU A 239 -24.68 26.50 6.92
C LEU A 239 -25.17 27.93 7.16
N ASN A 240 -24.25 28.88 7.34
CA ASN A 240 -24.66 30.27 7.54
C ASN A 240 -25.39 30.81 6.32
N ASP A 241 -24.88 30.52 5.11
CA ASP A 241 -25.52 31.02 3.90
C ASP A 241 -26.93 30.48 3.75
N ASN A 242 -27.11 29.17 3.97
CA ASN A 242 -28.44 28.60 3.78
C ASN A 242 -29.38 29.00 4.90
N LEU A 243 -28.87 29.26 6.11
CA LEU A 243 -29.73 29.79 7.16
C LEU A 243 -30.16 31.22 6.85
N LYS A 244 -29.28 32.01 6.24
CA LYS A 244 -29.69 33.32 5.74
C LYS A 244 -30.75 33.18 4.65
N VAL A 245 -30.60 32.18 3.79
CA VAL A 245 -31.58 31.94 2.73
C VAL A 245 -32.94 31.60 3.33
N ILE A 246 -32.97 30.73 4.33
CA ILE A 246 -34.24 30.30 4.92
C ILE A 246 -34.96 31.46 5.59
N GLU A 247 -34.20 32.33 6.27
CA GLU A 247 -34.82 33.41 7.03
C GLU A 247 -35.62 34.35 6.13
N LYS A 248 -35.16 34.56 4.91
CA LYS A 248 -35.83 35.42 3.94
C LYS A 248 -36.30 34.54 2.79
N ALA A 249 -37.54 34.05 2.88
CA ALA A 249 -38.06 33.17 1.85
C ALA A 249 -39.58 33.25 1.82
N ASP A 250 -40.15 33.15 0.61
CA ASP A 250 -41.59 33.04 0.41
C ASP A 250 -41.98 31.77 -0.32
N ASN A 251 -41.02 30.98 -0.79
CA ASN A 251 -41.28 29.76 -1.54
C ASN A 251 -41.27 28.55 -0.60
N ALA A 252 -41.66 27.40 -1.16
CA ALA A 252 -41.67 26.14 -0.42
C ALA A 252 -40.45 25.26 -0.71
N ALA A 253 -39.99 25.23 -1.96
CA ALA A 253 -38.84 24.40 -2.32
C ALA A 253 -37.51 25.06 -1.99
N GLN A 254 -37.50 26.38 -1.75
CA GLN A 254 -36.28 27.05 -1.33
C GLN A 254 -35.79 26.49 0.00
N VAL A 255 -36.72 26.25 0.92
CA VAL A 255 -36.38 25.60 2.18
C VAL A 255 -35.77 24.24 1.93
N LYS A 256 -36.33 23.49 0.98
CA LYS A 256 -35.79 22.15 0.68
C LYS A 256 -34.36 22.23 0.17
N ASP A 257 -34.09 23.16 -0.75
CA ASP A 257 -32.72 23.30 -1.27
C ASP A 257 -31.74 23.71 -0.17
N ALA A 258 -32.14 24.71 0.64
CA ALA A 258 -31.25 25.17 1.70
C ALA A 258 -31.00 24.08 2.73
N LEU A 259 -32.04 23.33 3.08
CA LEU A 259 -31.86 22.27 4.08
C LEU A 259 -31.05 21.11 3.53
N THR A 260 -31.16 20.82 2.23
CA THR A 260 -30.30 19.80 1.64
C THR A 260 -28.84 20.22 1.72
N LYS A 261 -28.56 21.48 1.34
CA LYS A 261 -27.19 21.97 1.40
C LYS A 261 -26.66 21.98 2.83
N MET A 262 -27.52 22.31 3.79
CA MET A 262 -27.13 22.25 5.20
C MET A 262 -26.92 20.82 5.67
N ARG A 263 -27.70 19.88 5.14
CA ARG A 263 -27.53 18.47 5.48
C ARG A 263 -26.17 17.97 5.02
N ALA A 264 -25.76 18.33 3.81
CA ALA A 264 -24.44 17.90 3.33
C ALA A 264 -23.32 18.47 4.21
N ALA A 265 -23.45 19.74 4.61
CA ALA A 265 -22.40 20.37 5.41
C ALA A 265 -22.27 19.72 6.79
N ALA A 266 -23.40 19.38 7.41
CA ALA A 266 -23.36 18.86 8.77
C ALA A 266 -22.77 17.45 8.84
N LEU A 267 -22.82 16.71 7.73
CA LEU A 267 -22.36 15.33 7.73
C LEU A 267 -20.93 15.20 8.27
N ASP A 268 -20.00 15.94 7.67
CA ASP A 268 -18.63 16.05 8.15
C ASP A 268 -17.96 14.71 8.44
N ALA A 269 -17.24 14.63 9.55
CA ALA A 269 -16.39 13.48 9.88
C ALA A 269 -17.14 12.39 10.65
N GLY A 270 -18.46 12.37 10.58
CA GLY A 270 -19.23 11.27 11.15
C GLY A 270 -19.05 11.06 12.63
N SER A 271 -19.14 12.14 13.41
CA SER A 271 -18.97 12.03 14.85
C SER A 271 -20.06 11.19 15.49
N GLY A 272 -21.24 11.13 14.87
CA GLY A 272 -22.38 10.46 15.45
C GLY A 272 -23.36 11.48 16.00
N SER A 273 -22.82 12.50 16.67
CA SER A 273 -23.58 13.71 16.95
C SER A 273 -23.57 14.67 15.77
N GLY A 274 -22.80 14.37 14.73
CA GLY A 274 -23.05 14.98 13.44
C GLY A 274 -24.40 14.57 12.89
N ASP A 275 -24.77 13.30 13.06
CA ASP A 275 -26.07 12.81 12.62
C ASP A 275 -27.21 13.29 13.49
N ILE A 276 -26.95 13.66 14.76
CA ILE A 276 -28.00 14.27 15.56
C ILE A 276 -28.34 15.64 15.02
N LEU A 277 -27.33 16.36 14.52
CA LEU A 277 -27.60 17.61 13.81
C LEU A 277 -28.22 17.34 12.45
N VAL A 278 -27.74 16.31 11.75
CA VAL A 278 -28.36 15.91 10.49
C VAL A 278 -29.81 15.47 10.73
N GLY A 279 -30.04 14.71 11.79
CA GLY A 279 -31.40 14.29 12.10
C GLY A 279 -32.33 15.47 12.34
N GLN A 280 -31.86 16.48 13.07
CA GLN A 280 -32.67 17.67 13.27
C GLN A 280 -32.91 18.42 11.96
N ILE A 281 -31.89 18.50 11.10
CA ILE A 281 -32.06 19.10 9.79
C ILE A 281 -33.06 18.31 8.96
N ASP A 282 -32.97 16.98 9.02
CA ASP A 282 -33.92 16.14 8.30
C ASP A 282 -35.34 16.30 8.85
N ASP A 283 -35.48 16.59 10.14
CA ASP A 283 -36.80 16.89 10.69
C ASP A 283 -37.39 18.15 10.07
N ALA A 284 -36.56 19.20 9.94
CA ALA A 284 -37.02 20.41 9.27
C ALA A 284 -37.29 20.14 7.80
N LEU A 285 -36.45 19.33 7.15
CA LEU A 285 -36.69 18.95 5.77
C LEU A 285 -38.01 18.20 5.63
N LYS A 286 -38.38 17.41 6.65
CA LYS A 286 -39.69 16.77 6.65
C LYS A 286 -40.81 17.81 6.69
N LEU A 287 -40.66 18.85 7.52
CA LEU A 287 -41.66 19.90 7.57
C LEU A 287 -41.79 20.61 6.24
N ALA A 288 -40.65 20.87 5.58
CA ALA A 288 -40.68 21.56 4.30
C ALA A 288 -41.35 20.71 3.22
N ASN A 289 -40.94 19.44 3.10
CA ASN A 289 -41.52 18.58 2.07
C ASN A 289 -43.02 18.38 2.28
N GLU A 290 -43.48 18.45 3.53
CA GLU A 290 -44.92 18.42 3.78
C GLU A 290 -45.59 19.67 3.22
N GLY A 291 -45.00 20.84 3.45
CA GLY A 291 -45.51 22.04 2.82
C GLY A 291 -45.53 23.31 3.65
N LYS A 292 -45.61 23.20 4.98
CA LYS A 292 -45.76 24.38 5.81
C LYS A 292 -44.43 25.11 5.91
N VAL A 293 -44.29 26.18 5.12
CA VAL A 293 -43.07 26.97 5.12
C VAL A 293 -42.93 27.77 6.41
N LYS A 294 -44.04 28.35 6.89
CA LYS A 294 -44.00 29.20 8.07
C LYS A 294 -43.54 28.46 9.31
N GLU A 295 -43.65 27.13 9.33
CA GLU A 295 -43.24 26.34 10.48
C GLU A 295 -41.78 25.90 10.41
N ALA A 296 -41.24 25.69 9.21
CA ALA A 296 -39.87 25.22 9.09
C ALA A 296 -38.85 26.28 9.47
N GLN A 297 -39.19 27.56 9.29
CA GLN A 297 -38.21 28.63 9.50
C GLN A 297 -37.88 28.80 10.98
N ALA A 298 -38.89 28.68 11.86
CA ALA A 298 -38.62 28.75 13.30
C ALA A 298 -37.76 27.58 13.75
N ALA A 299 -37.99 26.39 13.18
CA ALA A 299 -37.17 25.24 13.51
C ALA A 299 -35.73 25.45 13.11
N ALA A 300 -35.50 26.00 11.91
CA ALA A 300 -34.13 26.24 11.46
C ALA A 300 -33.42 27.27 12.33
N GLU A 301 -34.18 28.21 12.92
CA GLU A 301 -33.58 29.16 13.85
C GLU A 301 -33.03 28.45 15.07
N GLN A 302 -33.80 27.50 15.62
CA GLN A 302 -33.30 26.71 16.75
C GLN A 302 -32.10 25.85 16.33
N LEU A 303 -32.17 25.26 15.14
CA LEU A 303 -31.04 24.46 14.66
C LEU A 303 -29.80 25.32 14.42
N LYS A 304 -30.01 26.61 14.14
CA LYS A 304 -28.87 27.52 13.97
C LYS A 304 -28.07 27.63 15.26
N THR A 305 -28.75 27.74 16.41
CA THR A 305 -28.06 27.75 17.69
C THR A 305 -27.33 26.43 17.92
N THR A 306 -27.96 25.31 17.58
CA THR A 306 -27.30 24.02 17.68
C THR A 306 -26.12 23.94 16.72
N ILE A 307 -26.27 24.50 15.51
CA ILE A 307 -25.20 24.44 14.53
C ILE A 307 -23.96 25.19 15.02
N ASN A 308 -24.15 26.39 15.56
CA ASN A 308 -23.03 27.15 16.09
C ASN A 308 -22.34 26.41 17.24
N ALA A 309 -23.13 25.79 18.12
CA ALA A 309 -22.55 25.03 19.22
C ALA A 309 -21.76 23.83 18.72
N TYR A 310 -22.29 23.11 17.73
CA TYR A 310 -21.63 21.89 17.29
C TYR A 310 -20.37 22.18 16.48
N ILE A 311 -20.36 23.26 15.70
CA ILE A 311 -19.16 23.57 14.92
C ILE A 311 -18.03 24.05 15.83
N GLN A 312 -18.37 24.84 16.84
CA GLN A 312 -17.36 25.21 17.84
C GLN A 312 -16.89 23.99 18.63
N LYS A 313 -17.65 22.90 18.60
CA LYS A 313 -17.21 21.64 19.19
C LYS A 313 -16.45 20.77 18.20
N TYR A 314 -16.79 20.84 16.91
CA TYR A 314 -16.06 20.07 15.91
C TYR A 314 -14.70 20.70 15.60
N GLY A 315 -14.69 22.01 15.38
CA GLY A 315 -13.44 22.70 15.14
C GLY A 315 -12.50 22.71 16.35
N GLN A 316 -13.05 22.54 17.55
CA GLN A 316 -12.24 22.33 18.74
C GLN A 316 -11.64 20.93 18.77
N SER A 317 -12.35 19.95 18.23
CA SER A 317 -11.84 18.58 18.20
C SER A 317 -10.62 18.48 17.30
N ILE A 318 -10.63 19.18 16.17
CA ILE A 318 -9.46 19.18 15.28
C ILE A 318 -8.28 19.86 15.97
N SER A 319 -8.55 20.85 16.83
CA SER A 319 -7.47 21.50 17.57
C SER A 319 -6.77 20.50 18.49
N ASN A 320 -7.52 19.65 19.18
CA ASN A 320 -6.91 18.59 19.97
C ASN A 320 -6.23 17.57 19.07
N GLU A 321 -6.83 17.31 17.90
CA GLU A 321 -6.26 16.36 16.94
C GLU A 321 -4.86 16.79 16.51
N GLN A 322 -4.64 18.09 16.37
CA GLN A 322 -3.31 18.59 16.02
C GLN A 322 -2.42 18.83 17.24
N LYS A 323 -3.00 19.12 18.40
CA LYS A 323 -2.20 19.27 19.62
C LYS A 323 -1.53 17.96 20.00
N ALA A 324 -2.27 16.85 19.91
CA ALA A 324 -1.67 15.54 20.16
C ALA A 324 -0.55 15.26 19.16
N CYS A 325 -0.75 15.66 17.91
CA CYS A 325 0.30 15.52 16.91
C CYS A 325 1.54 16.31 17.29
N LYS A 326 1.36 17.54 17.78
CA LYS A 326 2.49 18.35 18.21
C LYS A 326 3.24 17.69 19.36
N VAL A 327 2.51 17.17 20.35
CA VAL A 327 3.15 16.54 21.50
C VAL A 327 3.93 15.30 21.07
N LEU A 328 3.34 14.48 20.20
CA LEU A 328 4.04 13.30 19.72
C LEU A 328 5.25 13.67 18.86
N GLY A 329 5.16 14.75 18.09
CA GLY A 329 6.35 15.22 17.39
C GLY A 329 7.44 15.65 18.35
N ILE A 330 7.06 16.27 19.46
CA ILE A 330 8.04 16.66 20.48
C ILE A 330 8.74 15.42 21.03
N VAL A 331 7.98 14.37 21.34
CA VAL A 331 8.62 13.18 21.91
C VAL A 331 9.48 12.48 20.86
N PHE A 332 9.05 12.47 19.60
CA PHE A 332 9.88 11.94 18.53
C PHE A 332 11.21 12.67 18.46
N PHE A 333 11.15 14.00 18.45
CA PHE A 333 12.35 14.81 18.35
C PHE A 333 13.29 14.55 19.52
N LEU A 334 12.74 14.50 20.73
CA LEU A 334 13.58 14.30 21.90
C LEU A 334 14.26 12.94 21.87
N PHE A 335 13.49 11.88 21.59
CA PHE A 335 14.07 10.54 21.52
C PHE A 335 15.18 10.47 20.47
N VAL A 336 14.90 10.97 19.26
CA VAL A 336 15.89 10.87 18.18
C VAL A 336 17.14 11.68 18.51
N VAL A 337 16.95 12.91 19.00
CA VAL A 337 18.10 13.77 19.28
C VAL A 337 18.96 13.16 20.38
N MET A 338 18.34 12.64 21.43
CA MET A 338 19.14 12.09 22.52
C MET A 338 19.82 10.78 22.13
N TRP A 339 19.25 10.02 21.19
CA TRP A 339 19.96 8.83 20.72
C TRP A 339 20.93 9.13 19.59
N CYS A 340 20.92 10.34 19.03
CA CYS A 340 21.79 10.65 17.90
C CYS A 340 23.28 10.52 18.19
N PRO A 341 23.84 11.12 19.26
CA PRO A 341 25.31 11.10 19.40
C PRO A 341 25.91 9.70 19.45
N PHE A 342 25.23 8.75 20.10
CA PHE A 342 25.74 7.39 20.17
C PHE A 342 25.87 6.79 18.78
N PHE A 343 24.83 6.93 17.96
CA PHE A 343 24.88 6.39 16.60
C PHE A 343 25.90 7.13 15.75
N ILE A 344 26.03 8.44 15.93
CA ILE A 344 27.00 9.21 15.17
C ILE A 344 28.41 8.69 15.45
N THR A 345 28.75 8.51 16.73
CA THR A 345 30.09 8.05 17.07
C THR A 345 30.31 6.59 16.67
N ASN A 346 29.27 5.76 16.76
CA ASN A 346 29.39 4.37 16.31
C ASN A 346 29.66 4.31 14.81
N ILE A 347 28.95 5.13 14.03
CA ILE A 347 29.20 5.18 12.59
C ILE A 347 30.60 5.72 12.31
N MET A 348 31.06 6.69 13.11
CA MET A 348 32.42 7.18 12.98
C MET A 348 33.44 6.07 13.19
N ALA A 349 33.21 5.23 14.20
CA ALA A 349 34.13 4.16 14.57
C ALA A 349 34.17 3.02 13.55
N VAL A 350 33.51 3.11 12.39
CA VAL A 350 33.47 2.02 11.42
C VAL A 350 34.31 2.35 10.19
N ILE A 351 34.00 3.45 9.51
CA ILE A 351 34.63 3.73 8.21
C ILE A 351 36.05 4.26 8.41
N CYS A 352 36.20 5.34 9.17
CA CYS A 352 37.52 5.94 9.36
C CYS A 352 38.23 5.32 10.57
N LYS A 353 38.40 4.00 10.50
CA LYS A 353 39.10 3.29 11.56
C LYS A 353 40.60 3.54 11.54
N GLU A 354 41.12 4.22 10.52
CA GLU A 354 42.53 4.54 10.41
C GLU A 354 42.83 6.03 10.44
N SER A 355 41.96 6.85 9.83
CA SER A 355 42.19 8.29 9.72
C SER A 355 41.39 9.09 10.74
N CYS A 356 41.01 8.48 11.87
CA CYS A 356 40.28 9.16 12.93
C CYS A 356 40.90 8.81 14.27
N ASN A 357 41.16 9.83 15.09
CA ASN A 357 41.67 9.59 16.42
C ASN A 357 40.59 8.96 17.28
N GLU A 358 40.98 7.98 18.10
CA GLU A 358 40.03 7.21 18.90
C GLU A 358 40.55 7.02 20.32
N ASP A 359 41.23 8.02 20.87
CA ASP A 359 41.67 7.95 22.26
C ASP A 359 40.56 8.35 23.21
N VAL A 360 40.09 9.60 23.10
CA VAL A 360 38.99 10.07 23.94
C VAL A 360 37.64 9.90 23.26
N ILE A 361 37.61 9.70 21.95
CA ILE A 361 36.35 9.51 21.23
C ILE A 361 35.67 8.22 21.69
N GLY A 362 36.46 7.19 22.00
CA GLY A 362 35.89 5.98 22.55
C GLY A 362 35.20 6.21 23.87
N ALA A 363 35.74 7.12 24.69
CA ALA A 363 35.10 7.47 25.95
C ALA A 363 33.84 8.31 25.76
N LEU A 364 33.70 8.96 24.60
CA LEU A 364 32.49 9.74 24.33
C LEU A 364 31.27 8.83 24.26
N LEU A 365 31.43 7.62 23.71
CA LEU A 365 30.32 6.69 23.65
C LEU A 365 29.83 6.29 25.04
N ASN A 366 30.74 6.25 26.02
CA ASN A 366 30.36 5.84 27.36
C ASN A 366 29.37 6.81 28.01
N VAL A 367 29.30 8.05 27.56
CA VAL A 367 28.28 8.98 28.03
C VAL A 367 27.17 9.20 27.00
N PHE A 368 27.45 8.96 25.71
CA PHE A 368 26.39 9.02 24.72
C PHE A 368 25.36 7.91 24.94
N VAL A 369 25.82 6.74 25.37
CA VAL A 369 24.89 5.65 25.68
C VAL A 369 23.98 6.05 26.83
N TRP A 370 24.51 6.78 27.82
CA TRP A 370 23.67 7.21 28.93
C TRP A 370 22.78 8.39 28.57
N ILE A 371 23.18 9.21 27.60
CA ILE A 371 22.24 10.17 27.04
C ILE A 371 21.06 9.45 26.39
N GLY A 372 21.36 8.40 25.61
CA GLY A 372 20.30 7.59 25.04
C GLY A 372 19.43 6.94 26.10
N TYR A 373 20.05 6.53 27.22
CA TYR A 373 19.27 6.00 28.33
C TYR A 373 18.37 7.05 28.95
N LEU A 374 18.88 8.28 29.12
CA LEU A 374 18.08 9.36 29.68
C LEU A 374 16.92 9.74 28.76
N SER A 375 17.07 9.47 27.46
CA SER A 375 15.94 9.62 26.55
C SER A 375 14.74 8.81 27.01
N SER A 376 14.98 7.68 27.70
CA SER A 376 13.88 6.90 28.26
C SER A 376 13.15 7.67 29.34
N ALA A 377 13.89 8.33 30.24
CA ALA A 377 13.28 9.07 31.35
C ALA A 377 12.65 10.38 30.90
N VAL A 378 13.05 10.91 29.75
CA VAL A 378 12.56 12.23 29.34
C VAL A 378 11.06 12.20 29.04
N ASN A 379 10.57 11.11 28.43
CA ASN A 379 9.19 11.08 27.95
C ASN A 379 8.15 11.38 29.03
N PRO A 380 8.19 10.76 30.22
CA PRO A 380 7.20 11.12 31.25
C PRO A 380 7.23 12.59 31.63
N LEU A 381 8.40 13.23 31.56
CA LEU A 381 8.47 14.66 31.84
C LEU A 381 7.62 15.45 30.84
N VAL A 382 7.72 15.12 29.56
CA VAL A 382 6.89 15.78 28.55
C VAL A 382 5.42 15.48 28.79
N TYR A 383 5.11 14.23 29.14
CA TYR A 383 3.73 13.84 29.39
C TYR A 383 3.13 14.67 30.52
N THR A 384 3.89 14.88 31.60
CA THR A 384 3.44 15.71 32.70
C THR A 384 3.46 17.19 32.35
N LEU A 385 4.29 17.61 31.40
CA LEU A 385 4.36 19.02 31.03
C LEU A 385 3.18 19.44 30.15
N PHE A 386 2.68 18.55 29.30
CA PHE A 386 1.66 18.94 28.33
C PHE A 386 0.29 18.30 28.56
N ASN A 387 0.22 16.97 28.64
CA ASN A 387 -1.08 16.30 28.71
C ASN A 387 -1.71 16.50 30.07
N LYS A 388 -2.90 17.12 30.08
CA LYS A 388 -3.55 17.52 31.33
C LYS A 388 -3.88 16.31 32.21
N THR A 389 -4.42 15.25 31.61
CA THR A 389 -4.76 14.06 32.38
C THR A 389 -3.52 13.44 33.00
N TYR A 390 -2.41 13.43 32.26
CA TYR A 390 -1.14 12.97 32.82
C TYR A 390 -0.73 13.81 34.02
N ARG A 391 -0.85 15.13 33.90
CA ARG A 391 -0.52 16.02 35.02
C ARG A 391 -1.35 15.66 36.24
N SER A 392 -2.67 15.55 36.07
CA SER A 392 -3.55 15.29 37.21
C SER A 392 -3.24 13.94 37.85
N ALA A 393 -3.09 12.90 37.03
CA ALA A 393 -2.82 11.58 37.58
C ALA A 393 -1.49 11.53 38.31
N PHE A 394 -0.45 12.13 37.73
CA PHE A 394 0.87 12.07 38.35
C PHE A 394 0.94 12.93 39.61
N SER A 395 0.23 14.06 39.62
CA SER A 395 0.14 14.86 40.83
C SER A 395 -0.62 14.10 41.92
N ARG A 396 -1.62 13.32 41.52
CA ARG A 396 -2.34 12.48 42.48
C ARG A 396 -1.41 11.47 43.14
N TYR A 397 -0.46 10.93 42.38
CA TYR A 397 0.46 9.93 42.90
C TYR A 397 1.59 10.52 43.71
N ILE A 398 1.72 11.84 43.75
CA ILE A 398 2.80 12.51 44.44
C ILE A 398 2.29 13.08 45.76
N GLN A 399 3.22 13.48 46.63
CA GLN A 399 2.91 14.08 47.93
C GLN A 399 2.14 13.11 48.84
N CYS A 400 2.78 11.96 49.07
CA CYS A 400 2.30 10.96 50.04
C CYS A 400 0.89 10.48 49.69
N GLN A 401 0.74 9.99 48.47
CA GLN A 401 -0.57 9.52 48.00
C GLN A 401 -0.39 8.40 46.98
N TYR A 402 -1.45 7.61 46.77
CA TYR A 402 -1.45 6.64 45.69
C TYR A 402 -1.28 7.38 44.38
N LYS B 38 31.47 -0.84 -13.27
CA LYS B 38 31.62 -0.30 -11.93
C LYS B 38 30.46 0.63 -11.57
N ASN B 39 30.80 1.88 -11.23
CA ASN B 39 29.78 2.86 -10.87
C ASN B 39 28.85 3.21 -12.02
N TRP B 40 29.29 3.00 -13.27
CA TRP B 40 28.40 3.22 -14.40
C TRP B 40 27.20 2.29 -14.34
N SER B 41 27.43 1.01 -14.02
CA SER B 41 26.33 0.09 -13.82
C SER B 41 25.59 0.37 -12.51
N ALA B 42 26.31 0.84 -11.48
CA ALA B 42 25.69 1.05 -10.18
C ALA B 42 24.57 2.09 -10.27
N LEU B 43 24.81 3.20 -10.98
CA LEU B 43 23.78 4.22 -11.11
C LEU B 43 22.62 3.74 -11.98
N LEU B 44 22.93 3.07 -13.09
CA LEU B 44 21.87 2.62 -14.00
C LEU B 44 20.97 1.58 -13.32
N THR B 45 21.58 0.55 -12.75
CA THR B 45 20.80 -0.55 -12.20
C THR B 45 19.95 -0.11 -11.01
N ALA B 46 20.52 0.72 -10.12
CA ALA B 46 19.76 1.20 -8.97
C ALA B 46 18.54 1.98 -9.40
N VAL B 47 18.66 2.77 -10.48
CA VAL B 47 17.51 3.49 -11.02
C VAL B 47 16.42 2.51 -11.44
N VAL B 48 16.81 1.44 -12.14
CA VAL B 48 15.82 0.45 -12.58
C VAL B 48 15.17 -0.23 -11.38
N ILE B 49 15.98 -0.57 -10.37
CA ILE B 49 15.44 -1.21 -9.16
C ILE B 49 14.39 -0.32 -8.50
N ILE B 50 14.74 0.95 -8.28
CA ILE B 50 13.85 1.83 -7.55
C ILE B 50 12.60 2.15 -8.38
N LEU B 51 12.77 2.29 -9.70
CA LEU B 51 11.61 2.53 -10.55
C LEU B 51 10.65 1.35 -10.52
N THR B 52 11.19 0.13 -10.64
CA THR B 52 10.36 -1.06 -10.57
C THR B 52 9.61 -1.12 -9.24
N ILE B 53 10.33 -0.93 -8.14
CA ILE B 53 9.72 -1.04 -6.81
C ILE B 53 8.62 0.01 -6.65
N ALA B 54 8.92 1.26 -6.99
CA ALA B 54 7.96 2.33 -6.80
C ALA B 54 6.73 2.16 -7.68
N GLY B 55 6.93 1.82 -8.96
CA GLY B 55 5.81 1.63 -9.86
C GLY B 55 4.90 0.50 -9.42
N ASN B 56 5.50 -0.63 -9.01
CA ASN B 56 4.67 -1.76 -8.59
C ASN B 56 3.99 -1.50 -7.25
N ILE B 57 4.64 -0.75 -6.35
CA ILE B 57 3.96 -0.35 -5.11
C ILE B 57 2.76 0.54 -5.43
N LEU B 58 2.92 1.46 -6.38
CA LEU B 58 1.79 2.29 -6.80
C LEU B 58 0.67 1.44 -7.38
N VAL B 59 1.02 0.45 -8.20
CA VAL B 59 0.01 -0.43 -8.79
C VAL B 59 -0.73 -1.20 -7.69
N ILE B 60 0.01 -1.73 -6.72
CA ILE B 60 -0.62 -2.47 -5.62
C ILE B 60 -1.56 -1.56 -4.83
N MET B 61 -1.11 -0.34 -4.53
CA MET B 61 -1.97 0.60 -3.81
C MET B 61 -3.22 0.93 -4.61
N ALA B 62 -3.07 1.15 -5.93
CA ALA B 62 -4.23 1.49 -6.75
C ALA B 62 -5.23 0.35 -6.78
N VAL B 63 -4.75 -0.89 -6.94
CA VAL B 63 -5.67 -2.01 -7.02
C VAL B 63 -6.35 -2.26 -5.67
N SER B 64 -5.59 -2.18 -4.57
CA SER B 64 -6.14 -2.48 -3.26
C SER B 64 -6.95 -1.33 -2.66
N LEU B 65 -6.85 -0.12 -3.22
CA LEU B 65 -7.56 1.03 -2.68
C LEU B 65 -8.71 1.50 -3.58
N GLU B 66 -8.46 1.68 -4.87
CA GLU B 66 -9.49 2.15 -5.77
C GLU B 66 -10.60 1.12 -5.91
N LYS B 67 -11.85 1.57 -5.74
CA LYS B 67 -13.00 0.69 -5.89
C LYS B 67 -13.30 0.39 -7.35
N LYS B 68 -12.84 1.23 -8.27
CA LYS B 68 -13.14 1.05 -9.69
C LYS B 68 -12.29 -0.01 -10.35
N LEU B 69 -11.16 -0.39 -9.75
CA LEU B 69 -10.24 -1.35 -10.34
C LEU B 69 -10.47 -2.77 -9.83
N GLN B 70 -11.56 -3.01 -9.10
CA GLN B 70 -11.78 -4.28 -8.43
C GLN B 70 -12.39 -5.26 -9.43
N ASN B 71 -11.53 -5.99 -10.13
CA ASN B 71 -11.96 -7.05 -11.04
C ASN B 71 -10.84 -8.06 -11.17
N ALA B 72 -11.12 -9.14 -11.92
CA ALA B 72 -10.13 -10.21 -12.08
C ALA B 72 -8.89 -9.70 -12.81
N THR B 73 -9.07 -8.90 -13.86
CA THR B 73 -7.94 -8.44 -14.66
C THR B 73 -6.95 -7.64 -13.82
N ASN B 74 -7.46 -6.66 -13.05
CA ASN B 74 -6.56 -5.84 -12.26
C ASN B 74 -6.00 -6.60 -11.07
N TYR B 75 -6.72 -7.62 -10.57
CA TYR B 75 -6.14 -8.47 -9.54
C TYR B 75 -4.95 -9.27 -10.08
N PHE B 76 -5.08 -9.81 -11.29
CA PHE B 76 -3.94 -10.46 -11.92
C PHE B 76 -2.81 -9.46 -12.17
N LEU B 77 -3.16 -8.23 -12.55
CA LEU B 77 -2.14 -7.20 -12.75
C LEU B 77 -1.43 -6.87 -11.45
N MET B 78 -2.16 -6.82 -10.33
CA MET B 78 -1.52 -6.56 -9.05
C MET B 78 -0.65 -7.72 -8.62
N SER B 79 -1.06 -8.95 -8.92
CA SER B 79 -0.18 -10.10 -8.67
C SER B 79 1.10 -9.98 -9.49
N LEU B 80 0.98 -9.56 -10.75
CA LEU B 80 2.16 -9.32 -11.58
C LEU B 80 3.02 -8.22 -10.98
N ALA B 81 2.39 -7.18 -10.45
CA ALA B 81 3.15 -6.09 -9.83
C ALA B 81 3.90 -6.57 -8.59
N ILE B 82 3.27 -7.44 -7.79
CA ILE B 82 3.95 -8.03 -6.64
C ILE B 82 5.15 -8.85 -7.11
N ALA B 83 4.96 -9.62 -8.19
CA ALA B 83 6.08 -10.39 -8.74
C ALA B 83 7.21 -9.46 -9.18
N ASP B 84 6.89 -8.36 -9.85
CA ASP B 84 7.91 -7.42 -10.30
C ASP B 84 8.63 -6.80 -9.12
N MET B 85 7.89 -6.42 -8.08
CA MET B 85 8.51 -5.78 -6.91
C MET B 85 9.42 -6.76 -6.18
N LEU B 86 8.99 -8.02 -6.03
CA LEU B 86 9.84 -9.00 -5.38
C LEU B 86 11.07 -9.31 -6.23
N LEU B 87 10.92 -9.34 -7.56
CA LEU B 87 12.08 -9.50 -8.43
C LEU B 87 13.05 -8.33 -8.28
N GLY B 88 12.52 -7.11 -8.18
CA GLY B 88 13.36 -5.94 -8.03
C GLY B 88 14.05 -5.85 -6.69
N PHE B 89 13.40 -6.34 -5.63
CA PHE B 89 13.97 -6.25 -4.29
C PHE B 89 15.15 -7.20 -4.12
N LEU B 90 15.02 -8.43 -4.64
CA LEU B 90 15.98 -9.49 -4.34
C LEU B 90 16.98 -9.72 -5.46
N VAL B 91 16.49 -10.04 -6.66
CA VAL B 91 17.36 -10.47 -7.74
C VAL B 91 18.19 -9.29 -8.27
N MET B 92 17.56 -8.14 -8.47
CA MET B 92 18.26 -7.03 -9.10
C MET B 92 19.42 -6.50 -8.26
N PRO B 93 19.28 -6.26 -6.94
CA PRO B 93 20.46 -5.84 -6.18
C PRO B 93 21.57 -6.86 -6.14
N VAL B 94 21.23 -8.16 -6.12
CA VAL B 94 22.26 -9.19 -6.17
C VAL B 94 23.01 -9.13 -7.50
N SER B 95 22.28 -8.95 -8.59
CA SER B 95 22.93 -8.80 -9.89
C SER B 95 23.81 -7.55 -9.91
N MET B 96 23.35 -6.47 -9.28
CA MET B 96 24.15 -5.25 -9.21
C MET B 96 25.44 -5.49 -8.43
N LEU B 97 25.35 -6.20 -7.31
CA LEU B 97 26.56 -6.52 -6.54
C LEU B 97 27.50 -7.39 -7.35
N THR B 98 26.97 -8.37 -8.07
CA THR B 98 27.82 -9.22 -8.90
C THR B 98 28.51 -8.42 -10.00
N ILE B 99 27.79 -7.49 -10.63
CA ILE B 99 28.37 -6.69 -11.70
C ILE B 99 29.43 -5.75 -11.14
N LEU B 100 29.15 -5.09 -10.01
CA LEU B 100 30.12 -4.20 -9.40
C LEU B 100 31.38 -4.93 -8.97
N TYR B 101 31.30 -6.23 -8.72
CA TYR B 101 32.48 -7.04 -8.45
C TYR B 101 33.13 -7.58 -9.72
N GLY B 102 32.55 -7.31 -10.89
CA GLY B 102 33.09 -7.81 -12.14
C GLY B 102 32.59 -9.19 -12.50
N TYR B 103 31.27 -9.41 -12.37
CA TYR B 103 30.66 -10.70 -12.61
C TYR B 103 31.32 -11.80 -11.78
N ARG B 104 31.60 -11.48 -10.52
CA ARG B 104 32.25 -12.39 -9.59
C ARG B 104 31.33 -12.60 -8.39
N TRP B 105 31.05 -13.86 -8.07
CA TRP B 105 30.05 -14.17 -7.06
C TRP B 105 30.59 -13.90 -5.66
N PRO B 106 29.95 -13.01 -4.88
CA PRO B 106 30.47 -12.69 -3.55
C PRO B 106 29.78 -13.46 -2.42
N LEU B 107 28.70 -14.17 -2.73
CA LEU B 107 27.89 -14.81 -1.71
C LEU B 107 28.33 -16.26 -1.51
N PRO B 108 27.81 -16.92 -0.48
CA PRO B 108 28.01 -18.37 -0.38
C PRO B 108 27.40 -19.09 -1.57
N SER B 109 27.91 -20.30 -1.82
CA SER B 109 27.50 -21.05 -3.01
C SER B 109 26.01 -21.35 -2.99
N LYS B 110 25.48 -21.75 -1.84
CA LYS B 110 24.06 -22.12 -1.74
C LYS B 110 23.17 -20.99 -2.24
N LEU B 111 23.44 -19.76 -1.79
CA LEU B 111 22.63 -18.62 -2.19
C LEU B 111 22.52 -18.50 -3.69
N CYS B 112 23.57 -18.88 -4.42
CA CYS B 112 23.53 -18.82 -5.88
C CYS B 112 22.31 -19.56 -6.42
N ALA B 113 22.14 -20.81 -6.01
CA ALA B 113 20.96 -21.56 -6.44
C ALA B 113 19.70 -20.78 -6.10
N VAL B 114 19.61 -20.30 -4.85
CA VAL B 114 18.44 -19.54 -4.43
C VAL B 114 18.19 -18.39 -5.38
N TRP B 115 19.26 -17.64 -5.69
CA TRP B 115 19.15 -16.55 -6.66
C TRP B 115 18.43 -17.02 -7.90
N ILE B 116 19.01 -18.01 -8.58
CA ILE B 116 18.40 -18.58 -9.79
C ILE B 116 16.94 -18.88 -9.51
N TYR B 117 16.69 -19.69 -8.48
CA TYR B 117 15.34 -20.07 -8.09
C TYR B 117 14.44 -18.85 -8.09
N LEU B 118 14.77 -17.87 -7.24
CA LEU B 118 13.90 -16.71 -7.09
C LEU B 118 13.61 -16.09 -8.44
N ASP B 119 14.68 -15.79 -9.19
CA ASP B 119 14.51 -15.19 -10.49
C ASP B 119 13.49 -15.97 -11.30
N VAL B 120 13.80 -17.25 -11.56
CA VAL B 120 12.93 -18.09 -12.36
C VAL B 120 11.50 -17.94 -11.86
N LEU B 121 11.30 -18.23 -10.57
CA LEU B 121 9.98 -18.21 -9.98
C LEU B 121 9.23 -16.96 -10.41
N PHE B 122 9.76 -15.79 -10.05
CA PHE B 122 9.04 -14.56 -10.30
C PHE B 122 8.75 -14.41 -11.78
N SER B 123 9.78 -14.54 -12.61
CA SER B 123 9.58 -14.34 -14.04
C SER B 123 8.58 -15.36 -14.56
N THR B 124 8.71 -16.62 -14.13
CA THR B 124 7.78 -17.64 -14.56
C THR B 124 6.35 -17.19 -14.27
N ALA B 125 6.10 -16.81 -13.02
CA ALA B 125 4.75 -16.37 -12.65
C ALA B 125 4.27 -15.32 -13.61
N LYS B 126 5.10 -14.29 -13.82
CA LYS B 126 4.77 -13.19 -14.72
C LYS B 126 4.19 -13.73 -16.00
N ILE B 127 5.00 -14.49 -16.75
CA ILE B 127 4.57 -14.87 -18.09
C ILE B 127 3.30 -15.70 -18.00
N TRP B 128 3.27 -16.67 -17.08
CA TRP B 128 2.09 -17.51 -16.97
C TRP B 128 0.89 -16.68 -16.54
N HIS B 129 1.11 -15.73 -15.62
CA HIS B 129 0.04 -14.82 -15.25
C HIS B 129 -0.52 -14.17 -16.50
N LEU B 130 0.37 -13.58 -17.32
CA LEU B 130 -0.07 -12.97 -18.56
C LEU B 130 -0.87 -13.96 -19.38
N CYS B 131 -0.32 -15.18 -19.55
CA CYS B 131 -1.01 -16.20 -20.32
C CYS B 131 -2.41 -16.41 -19.78
N ALA B 132 -2.52 -16.64 -18.46
CA ALA B 132 -3.82 -16.89 -17.86
C ALA B 132 -4.79 -15.79 -18.25
N ILE B 133 -4.35 -14.53 -18.08
CA ILE B 133 -5.20 -13.39 -18.39
C ILE B 133 -5.82 -13.57 -19.76
N SER B 134 -4.98 -13.72 -20.78
CA SER B 134 -5.48 -13.82 -22.15
C SER B 134 -6.52 -14.93 -22.24
N LEU B 135 -6.16 -16.13 -21.77
CA LEU B 135 -7.07 -17.25 -21.84
C LEU B 135 -8.40 -16.87 -21.21
N ASP B 136 -8.36 -16.36 -19.98
CA ASP B 136 -9.58 -16.03 -19.27
C ASP B 136 -10.44 -15.10 -20.11
N ARG B 137 -9.83 -14.03 -20.63
CA ARG B 137 -10.61 -13.04 -21.37
C ARG B 137 -11.31 -13.70 -22.55
N TYR B 138 -10.58 -14.54 -23.29
CA TYR B 138 -11.21 -15.22 -24.41
C TYR B 138 -12.43 -16.00 -23.95
N VAL B 139 -12.25 -16.84 -22.92
CA VAL B 139 -13.37 -17.59 -22.38
C VAL B 139 -14.44 -16.64 -21.88
N ALA B 140 -14.01 -15.56 -21.20
CA ALA B 140 -14.97 -14.63 -20.61
C ALA B 140 -15.85 -13.97 -21.66
N ILE B 141 -15.44 -14.02 -22.92
CA ILE B 141 -16.25 -13.45 -23.99
C ILE B 141 -16.87 -14.52 -24.88
N GLN B 142 -16.38 -15.76 -24.84
CA GLN B 142 -16.98 -16.79 -25.67
C GLN B 142 -18.36 -17.19 -25.16
N ASN B 143 -18.62 -17.03 -23.88
CA ASN B 143 -19.98 -17.17 -23.36
C ASN B 143 -20.78 -15.95 -23.77
N PRO B 144 -21.86 -16.09 -24.54
CA PRO B 144 -22.55 -14.90 -25.05
C PRO B 144 -23.35 -14.19 -23.96
N ILE B 145 -22.69 -13.82 -22.86
CA ILE B 145 -23.32 -13.11 -21.74
C ILE B 145 -22.41 -11.96 -21.36
N HIS B 146 -22.73 -10.75 -21.81
CA HIS B 146 -22.06 -9.55 -21.34
C HIS B 146 -22.78 -8.91 -20.17
N HIS B 147 -23.94 -9.44 -19.77
CA HIS B 147 -24.63 -8.97 -18.60
C HIS B 147 -24.06 -9.56 -17.31
N SER B 148 -23.57 -10.79 -17.36
CA SER B 148 -23.04 -11.43 -16.16
C SER B 148 -21.88 -10.62 -15.60
N ARG B 149 -21.93 -10.37 -14.29
CA ARG B 149 -20.87 -9.60 -13.65
C ARG B 149 -19.54 -10.32 -13.75
N PHE B 150 -19.55 -11.64 -13.57
CA PHE B 150 -18.34 -12.47 -13.63
C PHE B 150 -17.37 -11.90 -12.61
N ASN B 151 -16.09 -11.73 -12.93
CA ASN B 151 -15.10 -11.13 -12.03
C ASN B 151 -15.14 -11.78 -10.65
N SER B 152 -15.28 -13.11 -10.64
CA SER B 152 -15.41 -13.85 -9.39
C SER B 152 -14.08 -13.79 -8.65
N ARG B 153 -14.03 -12.96 -7.60
CA ARG B 153 -12.80 -12.80 -6.83
C ARG B 153 -12.37 -14.11 -6.18
N THR B 154 -13.32 -14.99 -5.88
CA THR B 154 -12.96 -16.32 -5.39
C THR B 154 -12.16 -17.07 -6.45
N LYS B 155 -12.68 -17.11 -7.68
CA LYS B 155 -11.95 -17.76 -8.77
C LYS B 155 -10.65 -17.03 -9.08
N ALA B 156 -10.63 -15.71 -8.93
CA ALA B 156 -9.40 -14.96 -9.14
C ALA B 156 -8.32 -15.36 -8.14
N PHE B 157 -8.69 -15.42 -6.85
CA PHE B 157 -7.77 -15.87 -5.82
C PHE B 157 -7.27 -17.27 -6.12
N LEU B 158 -8.20 -18.18 -6.47
CA LEU B 158 -7.82 -19.56 -6.75
C LEU B 158 -6.85 -19.65 -7.93
N LYS B 159 -7.13 -18.93 -9.02
CA LYS B 159 -6.28 -19.01 -10.20
C LYS B 159 -4.91 -18.38 -9.95
N ILE B 160 -4.87 -17.27 -9.21
CA ILE B 160 -3.58 -16.66 -8.90
C ILE B 160 -2.74 -17.59 -8.05
N ILE B 161 -3.35 -18.22 -7.05
CA ILE B 161 -2.63 -19.20 -6.23
C ILE B 161 -2.17 -20.37 -7.10
N ALA B 162 -3.01 -20.81 -8.04
CA ALA B 162 -2.64 -21.92 -8.90
C ALA B 162 -1.44 -21.58 -9.79
N VAL B 163 -1.40 -20.37 -10.32
CA VAL B 163 -0.28 -19.97 -11.17
C VAL B 163 0.99 -19.82 -10.34
N TRP B 164 0.86 -19.26 -9.13
CA TRP B 164 2.01 -19.26 -8.22
C TRP B 164 2.51 -20.68 -7.98
N THR B 165 1.58 -21.62 -7.80
CA THR B 165 1.96 -23.01 -7.52
C THR B 165 2.66 -23.64 -8.72
N ILE B 166 2.16 -23.39 -9.94
CA ILE B 166 2.81 -23.99 -11.11
C ILE B 166 4.19 -23.37 -11.33
N SER B 167 4.34 -22.08 -11.02
CA SER B 167 5.67 -21.47 -11.10
C SER B 167 6.63 -22.07 -10.07
N VAL B 168 6.13 -22.32 -8.85
CA VAL B 168 6.95 -22.97 -7.83
C VAL B 168 7.34 -24.38 -8.28
N GLY B 169 6.39 -25.12 -8.86
CA GLY B 169 6.67 -26.46 -9.34
C GLY B 169 7.66 -26.49 -10.49
N ILE B 170 7.63 -25.46 -11.34
CA ILE B 170 8.63 -25.35 -12.40
C ILE B 170 9.99 -25.02 -11.82
N SER B 171 10.04 -24.09 -10.86
CA SER B 171 11.31 -23.61 -10.34
C SER B 171 11.99 -24.66 -9.45
N MET B 172 11.36 -25.00 -8.32
CA MET B 172 11.90 -25.81 -7.23
C MET B 172 12.83 -26.94 -7.67
N PRO B 173 12.51 -27.70 -8.73
CA PRO B 173 13.50 -28.67 -9.24
C PRO B 173 14.84 -28.05 -9.58
N ILE B 174 14.86 -26.83 -10.10
CA ILE B 174 16.13 -26.18 -10.47
C ILE B 174 16.99 -25.98 -9.23
N PRO B 175 16.53 -25.30 -8.17
CA PRO B 175 17.37 -25.20 -6.97
C PRO B 175 17.67 -26.53 -6.31
N VAL B 176 16.75 -27.51 -6.35
CA VAL B 176 17.04 -28.79 -5.72
C VAL B 176 18.19 -29.49 -6.44
N PHE B 177 18.09 -29.62 -7.77
CA PHE B 177 19.14 -30.26 -8.55
C PHE B 177 20.41 -29.42 -8.61
N GLY B 178 20.34 -28.13 -8.33
CA GLY B 178 21.53 -27.30 -8.27
C GLY B 178 22.25 -27.41 -6.95
N LEU B 179 21.50 -27.44 -5.85
CA LEU B 179 22.09 -27.72 -4.56
C LEU B 179 22.69 -29.12 -4.53
N GLN B 180 22.12 -30.06 -5.28
CA GLN B 180 22.76 -31.36 -5.44
C GLN B 180 24.08 -31.24 -6.19
N ASP B 181 24.04 -30.72 -7.41
CA ASP B 181 25.21 -30.61 -8.28
C ASP B 181 25.54 -29.13 -8.48
N ASP B 182 26.68 -28.69 -7.93
CA ASP B 182 27.08 -27.30 -8.06
C ASP B 182 27.45 -26.94 -9.50
N SER B 183 27.75 -27.92 -10.34
CA SER B 183 28.13 -27.65 -11.73
C SER B 183 26.95 -27.32 -12.62
N LYS B 184 25.73 -27.28 -12.07
CA LYS B 184 24.54 -26.89 -12.81
C LYS B 184 24.20 -25.42 -12.67
N VAL B 185 24.45 -24.82 -11.50
CA VAL B 185 24.25 -23.39 -11.31
C VAL B 185 25.55 -22.60 -11.31
N PHE B 186 26.70 -23.27 -11.19
CA PHE B 186 28.01 -22.65 -11.32
C PHE B 186 28.65 -23.13 -12.62
N LYS B 187 28.70 -22.24 -13.61
CA LYS B 187 29.40 -22.53 -14.87
C LYS B 187 30.83 -22.05 -14.73
N GLU B 188 31.65 -22.90 -14.08
CA GLU B 188 33.06 -22.61 -13.83
C GLU B 188 33.23 -21.31 -13.03
N GLY B 189 32.60 -21.29 -11.85
CA GLY B 189 32.69 -20.16 -10.95
C GLY B 189 31.68 -19.06 -11.18
N SER B 190 30.88 -19.14 -12.23
CA SER B 190 29.89 -18.12 -12.55
C SER B 190 28.50 -18.64 -12.20
N CYS B 191 27.75 -17.85 -11.43
CA CYS B 191 26.43 -18.26 -10.96
C CYS B 191 25.41 -18.02 -12.08
N LEU B 192 25.27 -19.02 -12.94
CA LEU B 192 24.26 -19.00 -13.98
C LEU B 192 23.97 -20.44 -14.41
N LEU B 193 22.85 -20.61 -15.09
CA LEU B 193 22.44 -21.95 -15.54
C LEU B 193 23.50 -22.55 -16.45
N ALA B 194 24.05 -23.69 -16.02
CA ALA B 194 25.14 -24.34 -16.73
C ALA B 194 24.71 -25.57 -17.51
N ASP B 195 23.90 -26.43 -16.92
CA ASP B 195 23.44 -27.63 -17.63
C ASP B 195 22.56 -27.25 -18.80
N ASP B 196 22.83 -27.83 -19.97
CA ASP B 196 22.08 -27.48 -21.16
C ASP B 196 20.68 -28.09 -21.16
N ASN B 197 20.52 -29.27 -20.56
CA ASN B 197 19.21 -29.92 -20.53
C ASN B 197 18.21 -29.08 -19.75
N PHE B 198 18.60 -28.59 -18.57
CA PHE B 198 17.71 -27.75 -17.77
C PHE B 198 17.33 -26.49 -18.53
N VAL B 199 18.32 -25.84 -19.15
CA VAL B 199 18.05 -24.60 -19.87
C VAL B 199 17.08 -24.85 -21.01
N LEU B 200 17.33 -25.88 -21.81
CA LEU B 200 16.45 -26.20 -22.93
C LEU B 200 15.02 -26.42 -22.43
N ILE B 201 14.86 -27.32 -21.44
CA ILE B 201 13.52 -27.67 -20.98
C ILE B 201 12.81 -26.45 -20.43
N GLY B 202 13.45 -25.73 -19.51
CA GLY B 202 12.77 -24.62 -18.85
C GLY B 202 12.51 -23.45 -19.77
N SER B 203 13.53 -23.01 -20.52
CA SER B 203 13.35 -21.91 -21.44
C SER B 203 12.28 -22.22 -22.47
N PHE B 204 12.18 -23.48 -22.90
CA PHE B 204 11.15 -23.84 -23.87
C PHE B 204 9.76 -23.81 -23.25
N VAL B 205 9.64 -24.25 -22.00
CA VAL B 205 8.31 -24.36 -21.39
C VAL B 205 7.90 -23.07 -20.71
N SER B 206 8.84 -22.36 -20.07
CA SER B 206 8.45 -21.19 -19.28
C SER B 206 8.12 -20.00 -20.17
N PHE B 207 8.88 -19.79 -21.24
CA PHE B 207 8.73 -18.60 -22.05
C PHE B 207 8.00 -18.82 -23.36
N PHE B 208 8.18 -19.98 -24.01
CA PHE B 208 7.67 -20.16 -25.36
C PHE B 208 6.27 -20.76 -25.40
N ILE B 209 5.96 -21.70 -24.51
CA ILE B 209 4.58 -22.20 -24.43
C ILE B 209 3.61 -21.08 -24.06
N PRO B 210 3.84 -20.29 -23.00
CA PRO B 210 2.96 -19.14 -22.77
C PRO B 210 3.03 -18.12 -23.88
N LEU B 211 4.16 -17.97 -24.57
CA LEU B 211 4.21 -17.05 -25.70
C LEU B 211 3.24 -17.47 -26.79
N THR B 212 3.28 -18.74 -27.19
CA THR B 212 2.37 -19.23 -28.21
C THR B 212 0.92 -19.10 -27.77
N ILE B 213 0.62 -19.51 -26.52
CA ILE B 213 -0.75 -19.44 -26.05
C ILE B 213 -1.23 -17.99 -26.00
N MET B 214 -0.38 -17.09 -25.51
CA MET B 214 -0.74 -15.68 -25.40
C MET B 214 -1.04 -15.09 -26.78
N VAL B 215 -0.14 -15.30 -27.74
CA VAL B 215 -0.32 -14.69 -29.05
C VAL B 215 -1.56 -15.25 -29.74
N ILE B 216 -1.73 -16.57 -29.68
CA ILE B 216 -2.88 -17.20 -30.33
C ILE B 216 -4.18 -16.72 -29.71
N THR B 217 -4.24 -16.72 -28.37
CA THR B 217 -5.47 -16.31 -27.69
C THR B 217 -5.76 -14.84 -27.89
N TYR B 218 -4.72 -14.00 -27.92
CA TYR B 218 -4.95 -12.57 -28.16
C TYR B 218 -5.49 -12.31 -29.56
N PHE B 219 -4.93 -12.99 -30.57
CA PHE B 219 -5.44 -12.79 -31.92
C PHE B 219 -6.86 -13.34 -32.07
N LEU B 220 -7.14 -14.50 -31.47
CA LEU B 220 -8.50 -15.03 -31.52
C LEU B 220 -9.46 -14.11 -30.77
N THR B 221 -9.01 -13.51 -29.67
CA THR B 221 -9.86 -12.62 -28.89
C THR B 221 -10.19 -11.35 -29.65
N ILE B 222 -9.19 -10.73 -30.28
CA ILE B 222 -9.46 -9.52 -31.05
C ILE B 222 -10.34 -9.84 -32.25
N LYS B 223 -10.15 -11.01 -32.85
CA LYS B 223 -11.00 -11.41 -33.96
C LYS B 223 -12.44 -11.61 -33.52
N SER B 224 -12.65 -12.29 -32.39
CA SER B 224 -13.99 -12.50 -31.87
C SER B 224 -14.64 -11.19 -31.46
N LEU B 225 -13.85 -10.24 -30.95
CA LEU B 225 -14.40 -8.92 -30.62
C LEU B 225 -14.80 -8.16 -31.87
N GLN B 226 -13.99 -8.27 -32.94
CA GLN B 226 -14.37 -7.64 -34.20
C GLN B 226 -15.65 -8.23 -34.76
N LYS B 227 -15.80 -9.56 -34.66
CA LYS B 227 -17.06 -10.18 -35.05
C LYS B 227 -18.21 -9.70 -34.17
N GLU B 228 -17.97 -9.56 -32.86
CA GLU B 228 -19.00 -9.13 -31.93
C GLU B 228 -19.42 -7.69 -32.17
N ALA B 229 -18.52 -6.87 -32.71
CA ALA B 229 -18.79 -5.44 -32.88
C ALA B 229 -19.61 -5.16 -34.15
N ALA B 230 -19.25 -5.78 -35.27
CA ALA B 230 -19.91 -5.47 -36.53
C ALA B 230 -21.36 -5.92 -36.54
N ASP B 231 -21.68 -7.01 -35.84
CA ASP B 231 -23.07 -7.47 -35.77
C ASP B 231 -23.96 -6.41 -35.13
N LEU B 232 -23.48 -5.79 -34.05
CA LEU B 232 -24.29 -4.82 -33.32
C LEU B 232 -24.61 -3.62 -34.19
N GLU B 233 -23.61 -3.09 -34.91
CA GLU B 233 -23.86 -1.92 -35.74
C GLU B 233 -24.78 -2.25 -36.91
N ASP B 234 -24.62 -3.44 -37.49
CA ASP B 234 -25.54 -3.87 -38.56
C ASP B 234 -26.96 -3.98 -38.04
N ASN B 235 -27.14 -4.52 -36.82
CA ASN B 235 -28.48 -4.62 -36.26
C ASN B 235 -29.05 -3.25 -35.92
N TRP B 236 -28.20 -2.32 -35.46
CA TRP B 236 -28.64 -0.96 -35.21
C TRP B 236 -29.13 -0.30 -36.51
N GLU B 237 -28.39 -0.51 -37.60
CA GLU B 237 -28.81 -0.01 -38.90
C GLU B 237 -30.14 -0.63 -39.31
N THR B 238 -30.27 -1.95 -39.12
CA THR B 238 -31.53 -2.62 -39.46
C THR B 238 -32.70 -2.02 -38.69
N LEU B 239 -32.50 -1.80 -37.39
CA LEU B 239 -33.56 -1.23 -36.56
C LEU B 239 -33.95 0.15 -37.05
N ASN B 240 -32.97 1.03 -37.27
CA ASN B 240 -33.31 2.39 -37.69
C ASN B 240 -33.96 2.40 -39.08
N ASP B 241 -33.44 1.59 -40.01
CA ASP B 241 -34.02 1.55 -41.34
C ASP B 241 -35.47 1.09 -41.30
N ASN B 242 -35.75 0.02 -40.55
CA ASN B 242 -37.12 -0.48 -40.52
C ASN B 242 -38.03 0.42 -39.70
N LEU B 243 -37.48 1.16 -38.73
CA LEU B 243 -38.27 2.17 -38.03
C LEU B 243 -38.70 3.27 -39.00
N LYS B 244 -37.78 3.71 -39.86
CA LYS B 244 -38.17 4.67 -40.90
C LYS B 244 -39.14 4.07 -41.89
N VAL B 245 -39.00 2.78 -42.19
CA VAL B 245 -39.95 2.11 -43.07
C VAL B 245 -41.35 2.11 -42.47
N ILE B 246 -41.44 1.94 -41.15
CA ILE B 246 -42.73 2.01 -40.48
C ILE B 246 -43.36 3.40 -40.64
N GLU B 247 -42.53 4.44 -40.59
CA GLU B 247 -43.04 5.81 -40.55
C GLU B 247 -43.83 6.14 -41.82
N LYS B 248 -43.31 5.77 -42.99
CA LYS B 248 -43.95 6.08 -44.27
C LYS B 248 -44.70 4.84 -44.74
N ALA B 249 -45.92 4.67 -44.22
CA ALA B 249 -46.67 3.45 -44.46
C ALA B 249 -48.15 3.77 -44.66
N ASP B 250 -48.77 3.09 -45.61
CA ASP B 250 -50.21 3.09 -45.78
C ASP B 250 -50.82 1.70 -45.70
N ASN B 251 -50.00 0.66 -45.71
CA ASN B 251 -50.43 -0.72 -45.59
C ASN B 251 -50.24 -1.19 -44.16
N ALA B 252 -50.67 -2.42 -43.88
CA ALA B 252 -50.34 -3.10 -42.63
C ALA B 252 -49.18 -4.07 -42.78
N ALA B 253 -49.02 -4.65 -43.97
CA ALA B 253 -47.91 -5.55 -44.22
C ALA B 253 -46.57 -4.84 -44.10
N GLN B 254 -46.52 -3.56 -44.44
CA GLN B 254 -45.28 -2.79 -44.26
C GLN B 254 -44.87 -2.76 -42.80
N VAL B 255 -45.81 -2.39 -41.92
CA VAL B 255 -45.52 -2.34 -40.49
C VAL B 255 -45.15 -3.73 -39.97
N LYS B 256 -45.91 -4.76 -40.36
CA LYS B 256 -45.65 -6.09 -39.84
C LYS B 256 -44.29 -6.63 -40.31
N ASP B 257 -43.95 -6.42 -41.58
CA ASP B 257 -42.66 -6.88 -42.10
C ASP B 257 -41.52 -6.15 -41.41
N ALA B 258 -41.64 -4.83 -41.25
CA ALA B 258 -40.59 -4.07 -40.57
C ALA B 258 -40.44 -4.52 -39.13
N LEU B 259 -41.56 -4.79 -38.44
CA LEU B 259 -41.48 -5.25 -37.06
C LEU B 259 -40.87 -6.64 -36.97
N THR B 260 -41.17 -7.51 -37.94
CA THR B 260 -40.53 -8.83 -37.97
C THR B 260 -39.02 -8.69 -38.10
N LYS B 261 -38.57 -7.86 -39.06
CA LYS B 261 -37.13 -7.68 -39.25
C LYS B 261 -36.48 -7.05 -38.02
N MET B 262 -37.14 -6.08 -37.40
CA MET B 262 -36.60 -5.44 -36.20
C MET B 262 -36.51 -6.43 -35.04
N ARG B 263 -37.52 -7.28 -34.88
CA ARG B 263 -37.50 -8.27 -33.82
C ARG B 263 -36.38 -9.28 -34.04
N ALA B 264 -36.15 -9.65 -35.30
CA ALA B 264 -35.04 -10.55 -35.60
C ALA B 264 -33.70 -9.94 -35.20
N ALA B 265 -33.50 -8.65 -35.50
CA ALA B 265 -32.26 -7.98 -35.13
C ALA B 265 -32.16 -7.79 -33.62
N ALA B 266 -33.26 -7.42 -32.97
CA ALA B 266 -33.20 -7.13 -31.54
C ALA B 266 -32.84 -8.36 -30.71
N LEU B 267 -33.00 -9.57 -31.27
CA LEU B 267 -32.64 -10.77 -30.52
C LEU B 267 -31.17 -10.76 -30.11
N ASP B 268 -30.29 -10.30 -30.99
CA ASP B 268 -28.87 -10.20 -30.69
C ASP B 268 -28.60 -9.05 -29.73
N ASP B 275 -35.20 -8.97 -23.91
CA ASP B 275 -36.57 -9.42 -23.72
C ASP B 275 -37.52 -8.25 -23.52
N ILE B 276 -37.06 -7.23 -22.80
CA ILE B 276 -37.86 -6.03 -22.57
C ILE B 276 -38.17 -5.35 -23.88
N LEU B 277 -37.13 -5.12 -24.71
CA LEU B 277 -37.32 -4.47 -25.99
C LEU B 277 -38.18 -5.31 -26.93
N VAL B 278 -37.93 -6.62 -26.95
CA VAL B 278 -38.73 -7.50 -27.80
C VAL B 278 -40.20 -7.46 -27.38
N GLY B 279 -40.46 -7.46 -26.07
CA GLY B 279 -41.83 -7.41 -25.59
C GLY B 279 -42.58 -6.18 -26.08
N GLN B 280 -41.92 -5.02 -26.07
CA GLN B 280 -42.54 -3.82 -26.63
C GLN B 280 -42.79 -3.97 -28.13
N ILE B 281 -41.85 -4.58 -28.85
CA ILE B 281 -42.04 -4.85 -30.27
C ILE B 281 -43.25 -5.74 -30.49
N ASP B 282 -43.40 -6.76 -29.63
CA ASP B 282 -44.50 -7.71 -29.78
C ASP B 282 -45.85 -7.03 -29.57
N ASP B 283 -45.93 -6.09 -28.63
CA ASP B 283 -47.16 -5.33 -28.44
C ASP B 283 -47.51 -4.52 -29.69
N ALA B 284 -46.50 -3.88 -30.29
CA ALA B 284 -46.71 -3.20 -31.56
C ALA B 284 -47.11 -4.19 -32.64
N LEU B 285 -46.48 -5.36 -32.65
CA LEU B 285 -46.83 -6.40 -33.61
C LEU B 285 -48.25 -6.90 -33.38
N LYS B 286 -48.70 -6.94 -32.13
CA LYS B 286 -50.10 -7.27 -31.85
C LYS B 286 -51.03 -6.25 -32.50
N LEU B 287 -50.72 -4.95 -32.36
CA LEU B 287 -51.57 -3.92 -32.93
C LEU B 287 -51.64 -4.04 -34.45
N ALA B 288 -50.52 -4.31 -35.10
CA ALA B 288 -50.50 -4.44 -36.54
C ALA B 288 -51.31 -5.65 -37.01
N ASN B 289 -51.11 -6.79 -36.36
CA ASN B 289 -51.82 -8.01 -36.77
C ASN B 289 -53.32 -7.87 -36.55
N GLU B 290 -53.73 -7.25 -35.44
CA GLU B 290 -55.16 -7.02 -35.21
C GLU B 290 -55.73 -6.09 -36.28
N GLY B 291 -54.97 -5.07 -36.68
CA GLY B 291 -55.36 -4.32 -37.85
C GLY B 291 -55.12 -2.82 -37.83
N LYS B 292 -55.14 -2.20 -36.66
CA LYS B 292 -55.06 -0.74 -36.59
C LYS B 292 -53.64 -0.28 -36.91
N VAL B 293 -53.44 0.15 -38.16
CA VAL B 293 -52.13 0.64 -38.58
C VAL B 293 -51.83 1.99 -37.94
N LYS B 294 -52.84 2.86 -37.85
CA LYS B 294 -52.63 4.20 -37.31
C LYS B 294 -52.16 4.18 -35.86
N GLU B 295 -52.42 3.11 -35.12
CA GLU B 295 -52.03 3.02 -33.73
C GLU B 295 -50.62 2.46 -33.54
N ALA B 296 -50.14 1.64 -34.48
CA ALA B 296 -48.82 1.02 -34.34
C ALA B 296 -47.69 2.04 -34.40
N GLN B 297 -47.93 3.23 -34.95
CA GLN B 297 -46.86 4.23 -35.08
C GLN B 297 -46.36 4.68 -33.72
N ALA B 298 -47.27 4.90 -32.76
CA ALA B 298 -46.87 5.40 -31.45
C ALA B 298 -45.97 4.42 -30.72
N ALA B 299 -46.26 3.12 -30.85
CA ALA B 299 -45.39 2.12 -30.25
C ALA B 299 -44.00 2.15 -30.88
N ALA B 300 -43.92 2.37 -32.19
CA ALA B 300 -42.64 2.35 -32.89
C ALA B 300 -41.72 3.47 -32.39
N GLU B 301 -42.26 4.67 -32.19
CA GLU B 301 -41.41 5.79 -31.79
C GLU B 301 -40.87 5.60 -30.38
N GLN B 302 -41.73 5.23 -29.43
CA GLN B 302 -41.25 4.96 -28.07
C GLN B 302 -40.35 3.74 -28.04
N LEU B 303 -40.57 2.79 -28.95
CA LEU B 303 -39.62 1.69 -29.13
C LEU B 303 -38.26 2.20 -29.57
N LYS B 304 -38.25 3.20 -30.45
CA LYS B 304 -37.00 3.73 -30.98
C LYS B 304 -36.14 4.32 -29.88
N THR B 305 -36.75 5.05 -28.93
CA THR B 305 -35.99 5.66 -27.86
C THR B 305 -35.31 4.61 -26.99
N THR B 306 -36.06 3.56 -26.61
CA THR B 306 -35.47 2.48 -25.83
C THR B 306 -34.45 1.70 -26.66
N ILE B 307 -34.68 1.59 -27.97
CA ILE B 307 -33.70 0.95 -28.85
C ILE B 307 -32.38 1.71 -28.81
N ASN B 308 -32.45 3.03 -28.89
CA ASN B 308 -31.23 3.84 -28.90
C ASN B 308 -30.44 3.68 -27.61
N ALA B 309 -31.12 3.65 -26.47
CA ALA B 309 -30.44 3.57 -25.18
C ALA B 309 -29.74 2.22 -25.01
N TYR B 310 -30.46 1.12 -25.26
CA TYR B 310 -29.88 -0.20 -25.04
C TYR B 310 -28.71 -0.46 -25.98
N ILE B 311 -28.88 -0.18 -27.26
CA ILE B 311 -27.83 -0.46 -28.24
C ILE B 311 -26.59 0.37 -27.94
N GLN B 312 -26.78 1.64 -27.56
CA GLN B 312 -25.64 2.49 -27.23
C GLN B 312 -24.86 1.95 -26.04
N LYS B 313 -25.55 1.47 -25.01
CA LYS B 313 -24.88 0.89 -23.85
C LYS B 313 -24.10 -0.36 -24.24
N TYR B 314 -24.73 -1.25 -25.01
CA TYR B 314 -24.09 -2.52 -25.36
C TYR B 314 -22.82 -2.29 -26.18
N GLY B 315 -22.87 -1.36 -27.13
CA GLY B 315 -21.68 -1.05 -27.90
C GLY B 315 -20.59 -0.37 -27.09
N GLN B 316 -20.98 0.55 -26.20
CA GLN B 316 -20.01 1.21 -25.35
C GLN B 316 -19.23 0.21 -24.50
N SER B 317 -19.87 -0.90 -24.12
CA SER B 317 -19.19 -1.92 -23.34
C SER B 317 -18.17 -2.68 -24.19
N ILE B 318 -18.51 -2.97 -25.44
CA ILE B 318 -17.61 -3.73 -26.31
C ILE B 318 -16.35 -2.92 -26.62
N SER B 319 -16.51 -1.59 -26.81
CA SER B 319 -15.35 -0.74 -27.03
C SER B 319 -14.44 -0.73 -25.81
N ASN B 320 -15.02 -0.72 -24.60
CA ASN B 320 -14.21 -0.79 -23.39
C ASN B 320 -13.50 -2.14 -23.28
N GLU B 321 -14.18 -3.22 -23.66
CA GLU B 321 -13.54 -4.53 -23.68
C GLU B 321 -12.34 -4.54 -24.61
N GLN B 322 -12.51 -4.01 -25.81
CA GLN B 322 -11.40 -4.00 -26.76
C GLN B 322 -10.29 -3.05 -26.32
N LYS B 323 -10.63 -1.95 -25.63
CA LYS B 323 -9.60 -1.07 -25.08
C LYS B 323 -8.77 -1.78 -24.03
N ALA B 324 -9.43 -2.50 -23.12
CA ALA B 324 -8.70 -3.28 -22.12
C ALA B 324 -7.84 -4.34 -22.80
N CYS B 325 -8.36 -4.97 -23.87
CA CYS B 325 -7.57 -5.94 -24.60
C CYS B 325 -6.34 -5.30 -25.23
N LYS B 326 -6.48 -4.08 -25.78
CA LYS B 326 -5.33 -3.40 -26.35
C LYS B 326 -4.28 -3.09 -25.29
N VAL B 327 -4.72 -2.63 -24.11
CA VAL B 327 -3.76 -2.32 -23.05
C VAL B 327 -3.02 -3.58 -22.60
N LEU B 328 -3.77 -4.67 -22.40
CA LEU B 328 -3.13 -5.91 -21.99
C LEU B 328 -2.22 -6.47 -23.08
N GLY B 329 -2.58 -6.28 -24.34
CA GLY B 329 -1.69 -6.67 -25.42
C GLY B 329 -0.42 -5.85 -25.46
N ILE B 330 -0.51 -4.57 -25.13
CA ILE B 330 0.69 -3.74 -25.00
C ILE B 330 1.59 -4.28 -23.90
N VAL B 331 0.99 -4.66 -22.77
CA VAL B 331 1.77 -5.23 -21.67
C VAL B 331 2.45 -6.53 -22.12
N PHE B 332 1.69 -7.41 -22.78
CA PHE B 332 2.24 -8.65 -23.31
C PHE B 332 3.41 -8.36 -24.23
N PHE B 333 3.22 -7.44 -25.17
CA PHE B 333 4.24 -7.16 -26.18
C PHE B 333 5.50 -6.61 -25.53
N LEU B 334 5.35 -5.67 -24.60
CA LEU B 334 6.53 -5.10 -23.95
C LEU B 334 7.30 -6.17 -23.16
N PHE B 335 6.58 -6.95 -22.35
CA PHE B 335 7.25 -7.98 -21.56
C PHE B 335 7.98 -8.98 -22.44
N VAL B 336 7.27 -9.54 -23.42
CA VAL B 336 7.85 -10.59 -24.26
C VAL B 336 8.98 -10.01 -25.11
N VAL B 337 8.79 -8.82 -25.68
CA VAL B 337 9.81 -8.24 -26.54
C VAL B 337 11.07 -7.91 -25.75
N MET B 338 10.92 -7.47 -24.50
CA MET B 338 12.11 -7.16 -23.71
C MET B 338 12.80 -8.41 -23.17
N TRP B 339 12.06 -9.49 -22.95
CA TRP B 339 12.73 -10.75 -22.61
C TRP B 339 13.23 -11.50 -23.85
N CYS B 340 12.83 -11.08 -25.05
CA CYS B 340 13.17 -11.85 -26.25
C CYS B 340 14.66 -11.81 -26.61
N PRO B 341 15.31 -10.65 -26.76
CA PRO B 341 16.72 -10.67 -27.19
C PRO B 341 17.62 -11.39 -26.21
N PHE B 342 17.33 -11.26 -24.90
CA PHE B 342 18.10 -11.99 -23.91
C PHE B 342 17.96 -13.49 -24.11
N PHE B 343 16.73 -13.96 -24.33
CA PHE B 343 16.51 -15.38 -24.56
C PHE B 343 17.19 -15.85 -25.85
N ILE B 344 17.15 -15.02 -26.89
CA ILE B 344 17.77 -15.39 -28.17
C ILE B 344 19.27 -15.55 -28.00
N THR B 345 19.93 -14.55 -27.40
CA THR B 345 21.37 -14.63 -27.19
C THR B 345 21.73 -15.77 -26.23
N ASN B 346 20.89 -16.00 -25.22
CA ASN B 346 21.15 -17.08 -24.28
C ASN B 346 21.06 -18.44 -24.96
N ILE B 347 20.05 -18.65 -25.82
CA ILE B 347 19.93 -19.92 -26.53
C ILE B 347 21.09 -20.09 -27.51
N MET B 348 21.48 -18.99 -28.17
CA MET B 348 22.72 -19.00 -28.96
C MET B 348 23.86 -19.58 -28.15
N ALA B 349 24.22 -18.91 -27.05
CA ALA B 349 25.32 -19.38 -26.22
C ALA B 349 25.08 -20.79 -25.68
N VAL B 350 23.83 -21.22 -25.57
CA VAL B 350 23.53 -22.56 -25.08
C VAL B 350 23.95 -23.61 -26.10
N ILE B 351 23.56 -23.43 -27.37
CA ILE B 351 23.88 -24.45 -28.37
C ILE B 351 25.31 -24.31 -28.86
N CYS B 352 25.69 -23.12 -29.35
CA CYS B 352 27.08 -22.86 -29.73
C CYS B 352 27.85 -22.40 -28.49
N LYS B 353 28.02 -23.36 -27.56
CA LYS B 353 28.70 -23.07 -26.30
C LYS B 353 30.18 -22.78 -26.50
N GLU B 354 30.74 -23.15 -27.65
CA GLU B 354 32.15 -22.90 -27.97
C GLU B 354 32.34 -22.09 -29.24
N SER B 355 31.37 -22.08 -30.15
CA SER B 355 31.51 -21.44 -31.45
C SER B 355 30.74 -20.12 -31.54
N CYS B 356 30.63 -19.39 -30.43
CA CYS B 356 29.95 -18.11 -30.41
C CYS B 356 30.67 -17.17 -29.45
N ASN B 357 30.84 -15.93 -29.88
CA ASN B 357 31.70 -14.98 -29.19
C ASN B 357 31.08 -14.54 -27.85
N GLU B 358 31.95 -14.12 -26.94
CA GLU B 358 31.52 -13.61 -25.64
C GLU B 358 32.33 -12.39 -25.21
N ASP B 359 32.86 -11.62 -26.17
CA ASP B 359 33.61 -10.42 -25.83
C ASP B 359 32.68 -9.27 -25.46
N VAL B 360 31.82 -8.86 -26.40
CA VAL B 360 30.82 -7.83 -26.13
C VAL B 360 29.47 -8.44 -25.75
N ILE B 361 29.21 -9.69 -26.13
CA ILE B 361 27.91 -10.32 -25.84
C ILE B 361 27.71 -10.48 -24.33
N GLY B 362 28.79 -10.74 -23.58
CA GLY B 362 28.66 -10.89 -22.15
C GLY B 362 28.12 -9.64 -21.47
N ALA B 363 28.63 -8.46 -21.86
CA ALA B 363 28.09 -7.22 -21.36
C ALA B 363 26.67 -6.98 -21.87
N LEU B 364 26.41 -7.33 -23.13
CA LEU B 364 25.08 -7.13 -23.70
C LEU B 364 24.05 -8.04 -23.05
N LEU B 365 24.45 -9.27 -22.69
CA LEU B 365 23.50 -10.19 -22.06
C LEU B 365 23.02 -9.67 -20.72
N ASN B 366 23.92 -9.13 -19.91
CA ASN B 366 23.52 -8.62 -18.60
C ASN B 366 22.63 -7.39 -18.71
N VAL B 367 22.96 -6.47 -19.63
CA VAL B 367 22.06 -5.34 -19.82
C VAL B 367 20.75 -5.79 -20.47
N PHE B 368 20.72 -6.96 -21.12
CA PHE B 368 19.44 -7.51 -21.55
C PHE B 368 18.63 -8.03 -20.36
N VAL B 369 19.30 -8.61 -19.37
CA VAL B 369 18.62 -8.94 -18.12
C VAL B 369 18.04 -7.67 -17.50
N TRP B 370 18.83 -6.59 -17.50
CA TRP B 370 18.34 -5.31 -17.01
C TRP B 370 17.21 -4.76 -17.88
N ILE B 371 17.19 -5.11 -19.16
CA ILE B 371 16.08 -4.73 -20.03
C ILE B 371 14.81 -5.48 -19.64
N GLY B 372 14.94 -6.76 -19.29
CA GLY B 372 13.78 -7.48 -18.76
C GLY B 372 13.28 -6.89 -17.45
N TYR B 373 14.20 -6.52 -16.57
CA TYR B 373 13.80 -5.82 -15.35
C TYR B 373 13.16 -4.48 -15.67
N LEU B 374 13.65 -3.81 -16.72
CA LEU B 374 13.03 -2.58 -17.17
C LEU B 374 11.62 -2.82 -17.70
N SER B 375 11.38 -3.99 -18.30
CA SER B 375 10.01 -4.35 -18.69
C SER B 375 9.13 -4.51 -17.46
N SER B 376 9.66 -5.17 -16.43
CA SER B 376 8.97 -5.22 -15.14
C SER B 376 8.65 -3.83 -14.62
N ALA B 377 9.52 -2.86 -14.91
CA ALA B 377 9.28 -1.49 -14.48
C ALA B 377 8.26 -0.78 -15.38
N VAL B 378 8.26 -1.08 -16.68
CA VAL B 378 7.43 -0.31 -17.61
C VAL B 378 5.99 -0.81 -17.67
N ASN B 379 5.72 -2.05 -17.27
CA ASN B 379 4.31 -2.46 -17.19
C ASN B 379 3.49 -1.52 -16.29
N PRO B 380 3.94 -1.16 -15.08
CA PRO B 380 3.21 -0.11 -14.35
C PRO B 380 3.14 1.22 -15.08
N LEU B 381 4.18 1.57 -15.86
CA LEU B 381 4.13 2.82 -16.60
C LEU B 381 3.04 2.79 -17.67
N VAL B 382 2.84 1.64 -18.32
CA VAL B 382 1.74 1.51 -19.27
C VAL B 382 0.40 1.60 -18.56
N TYR B 383 0.28 0.93 -17.39
CA TYR B 383 -0.93 1.08 -16.58
C TYR B 383 -1.22 2.54 -16.31
N THR B 384 -0.18 3.31 -15.98
CA THR B 384 -0.33 4.75 -15.76
C THR B 384 -0.77 5.45 -17.04
N LEU B 385 -0.15 5.11 -18.16
CA LEU B 385 -0.37 5.86 -19.39
C LEU B 385 -1.80 5.73 -19.89
N PHE B 386 -2.35 4.52 -19.88
CA PHE B 386 -3.60 4.27 -20.59
C PHE B 386 -4.84 4.34 -19.69
N ASN B 387 -4.88 3.53 -18.65
CA ASN B 387 -6.05 3.50 -17.78
C ASN B 387 -6.14 4.80 -16.99
N LYS B 388 -7.17 5.60 -17.24
CA LYS B 388 -7.28 6.92 -16.64
C LYS B 388 -7.42 6.85 -15.13
N THR B 389 -8.15 5.85 -14.63
CA THR B 389 -8.26 5.68 -13.18
C THR B 389 -6.90 5.39 -12.55
N TYR B 390 -6.07 4.58 -13.22
CA TYR B 390 -4.74 4.27 -12.70
C TYR B 390 -3.90 5.53 -12.56
N ARG B 391 -3.86 6.35 -13.60
CA ARG B 391 -3.03 7.56 -13.54
C ARG B 391 -3.59 8.57 -12.54
N SER B 392 -4.92 8.66 -12.42
CA SER B 392 -5.49 9.53 -11.40
C SER B 392 -5.08 9.07 -10.00
N ALA B 393 -5.15 7.76 -9.75
CA ALA B 393 -4.74 7.24 -8.46
C ALA B 393 -3.26 7.49 -8.20
N PHE B 394 -2.42 7.28 -9.21
CA PHE B 394 -0.98 7.50 -9.03
C PHE B 394 -0.66 8.96 -8.76
N SER B 395 -1.33 9.87 -9.48
CA SER B 395 -1.14 11.30 -9.22
C SER B 395 -1.58 11.66 -7.81
N ARG B 396 -2.67 11.05 -7.34
CA ARG B 396 -3.05 11.21 -5.94
C ARG B 396 -1.99 10.63 -5.00
N TYR B 397 -1.29 9.60 -5.44
CA TYR B 397 -0.28 8.91 -4.63
C TYR B 397 1.10 9.53 -4.73
N ILE B 398 1.28 10.59 -5.53
CA ILE B 398 2.59 11.23 -5.67
C ILE B 398 3.19 11.53 -4.30
N GLN B 399 2.48 12.29 -3.48
CA GLN B 399 2.95 12.68 -2.16
C GLN B 399 2.31 11.85 -1.06
N CYS B 400 1.57 10.79 -1.42
CA CYS B 400 0.79 9.99 -0.49
C CYS B 400 -0.29 10.81 0.21
N GLN B 401 -0.69 11.93 -0.37
CA GLN B 401 -1.83 12.72 0.11
C GLN B 401 -3.06 12.29 -0.68
N TYR B 402 -3.85 11.39 -0.10
CA TYR B 402 -4.98 10.79 -0.80
C TYR B 402 -6.20 10.87 0.11
N LYS B 403 -6.96 11.97 -0.04
CA LYS B 403 -8.35 12.00 0.36
C LYS B 403 -9.22 12.03 -0.89
N GLU B 404 -10.53 12.03 -0.67
CA GLU B 404 -11.53 12.12 -1.73
C GLU B 404 -11.33 11.13 -2.87
#